data_5WBE
#
_entry.id   5WBE
#
_cell.length_a   180.925
_cell.length_b   180.925
_cell.length_c   104.248
_cell.angle_alpha   90.00
_cell.angle_beta   90.00
_cell.angle_gamma   120.00
#
_symmetry.space_group_name_H-M   'P 65'
#
loop_
_entity.id
_entity.type
_entity.pdbx_description
1 polymer 'Prostaglandin G/H synthase 1'
2 branched 2-acetamido-2-deoxy-beta-D-glucopyranose-(1-4)-2-acetamido-2-deoxy-beta-D-glucopyranose
3 branched alpha-D-mannopyranose-(1-6)-alpha-D-mannopyranose-(1-6)-alpha-D-mannopyranose-(1-4)-2-acetamido-2-deoxy-beta-D-glucopyranose-(1-4)-2-acetamido-2-deoxy-beta-D-glucopyranose
4 non-polymer 'PROTOPORPHYRIN IX CONTAINING FE'
5 non-polymer 'octyl beta-D-glucopyranoside'
6 non-polymer Mofezolac
7 water water
#
_entity_poly.entity_id   1
_entity_poly.type   'polypeptide(L)'
_entity_poly.pdbx_seq_one_letter_code
;MSRQSISLRFPLLLLLLSPSPVFSADPGAPAPVNPCCYYPCQHQGICVRFGLDRYQCDCTRTGYSGPNCTIPEIWTWLRT
TLRPSPSFIHFLLTHGRWLWDFVNATFIRDTLMRLVLTVRSNLIPSPPTYNIAHDYISWESFSNVSYYTRILPSVPRDCP
TPMDTKGKKQLPDAEFLSRRFLLRRKFIPDPQSTNLMFAFFAQHFTHQFFKTSGKMGPGFTKALGHGVDLGHIYGDNLER
QYQLRLFKDGKLKYQMLNGEVYPPSVEEAPVLMHYPRGIPPQSQMAVGQEVFGLLPGLMLYATIWLREHNRVCDLLKAEH
PTWGDEQLFQTARLILIGETIKIVIEEYVQQLSGYFLQLKFDPELLFGAQFQYRNRIAMEFNQLYHWHPLMPDSFRVGPQ
DYSYEQFLFNTSMLVDYGVEALVDAFSRQPAGRIGGGRNIDHHILHVAVDVIKESRVLRLQPFNEYRKRFGMKPYTSFQE
LTGEKEMAAELEELYGDIDALEFYPGLLLEKCHPNSIFGESMIEMGAPFSLKGLLGNPICSPEYWKASTFGGEVGFNLVK
TATLKKLVCLNTKTCPYVSFHVPDPRQEDRPGVERPPTEL
;
_entity_poly.pdbx_strand_id   A,B
#
loop_
_chem_comp.id
_chem_comp.type
_chem_comp.name
_chem_comp.formula
63X non-polymer Mofezolac 'C19 H17 N O5'
BOG D-saccharide 'octyl beta-D-glucopyranoside' 'C14 H28 O6'
HEM non-polymer 'PROTOPORPHYRIN IX CONTAINING FE' 'C34 H32 Fe N4 O4'
MAN D-saccharide, alpha linking alpha-D-mannopyranose 'C6 H12 O6'
NAG D-saccharide, beta linking 2-acetamido-2-deoxy-beta-D-glucopyranose 'C8 H15 N O6'
#
# COMPACT_ATOMS: atom_id res chain seq x y z
N PRO A 32 19.37 35.60 4.10
CA PRO A 32 20.32 34.60 4.59
C PRO A 32 20.36 33.35 3.72
N VAL A 33 21.39 32.54 3.89
CA VAL A 33 21.54 31.31 3.11
C VAL A 33 20.78 30.19 3.83
N ASN A 34 20.05 29.41 3.04
CA ASN A 34 19.38 28.22 3.58
C ASN A 34 20.42 27.22 4.06
N PRO A 35 20.46 26.89 5.35
CA PRO A 35 21.48 25.93 5.82
C PRO A 35 21.30 24.54 5.26
N CYS A 36 20.08 24.15 4.89
CA CYS A 36 19.91 22.83 4.27
C CYS A 36 20.57 22.75 2.91
N CYS A 37 20.96 23.89 2.32
CA CYS A 37 21.72 23.86 1.08
C CYS A 37 23.11 23.27 1.30
N TYR A 38 23.65 23.37 2.52
CA TYR A 38 24.96 22.80 2.82
C TYR A 38 24.92 21.29 3.03
N TYR A 39 23.74 20.71 3.06
CA TYR A 39 23.55 19.29 3.36
C TYR A 39 24.29 18.89 4.63
N PRO A 40 23.93 19.47 5.79
CA PRO A 40 24.70 19.21 7.01
C PRO A 40 24.40 17.84 7.59
N CYS A 41 23.20 17.34 7.37
CA CYS A 41 22.76 16.13 8.06
C CYS A 41 23.32 14.91 7.35
N GLN A 42 24.10 14.12 8.09
CA GLN A 42 24.79 12.96 7.55
C GLN A 42 24.05 11.68 7.92
N HIS A 43 24.22 10.65 7.08
CA HIS A 43 23.71 9.31 7.36
C HIS A 43 22.20 9.30 7.58
N GLN A 44 21.48 9.69 6.53
CA GLN A 44 20.02 9.71 6.48
C GLN A 44 19.39 10.64 7.50
N GLY A 45 20.14 11.64 7.99
CA GLY A 45 19.54 12.62 8.87
C GLY A 45 18.64 13.57 8.11
N ILE A 46 17.71 14.18 8.84
CA ILE A 46 16.65 15.00 8.23
C ILE A 46 16.92 16.45 8.59
N CYS A 47 17.21 17.27 7.58
CA CYS A 47 17.44 18.70 7.78
C CYS A 47 16.09 19.41 7.89
N VAL A 48 15.84 20.04 9.04
CA VAL A 48 14.62 20.78 9.27
C VAL A 48 14.98 22.21 9.66
N ARG A 49 14.47 23.17 8.90
CA ARG A 49 14.73 24.57 9.20
C ARG A 49 13.95 25.02 10.44
N PHE A 50 14.65 25.58 11.40
CA PHE A 50 14.03 26.34 12.48
C PHE A 50 14.35 27.82 12.33
N GLY A 51 13.44 28.65 12.85
CA GLY A 51 13.59 30.08 12.90
C GLY A 51 13.74 30.67 11.52
N LEU A 52 14.53 31.73 11.44
CA LEU A 52 14.82 32.41 10.18
C LEU A 52 16.03 31.81 9.49
N ASP A 53 17.04 31.42 10.25
CA ASP A 53 18.33 31.04 9.68
C ASP A 53 18.91 29.74 10.22
N ARG A 54 18.25 29.06 11.16
CA ARG A 54 18.92 27.91 11.75
C ARG A 54 18.22 26.62 11.33
N TYR A 55 18.78 25.50 11.80
CA TYR A 55 18.33 24.19 11.37
C TYR A 55 18.60 23.19 12.47
N GLN A 56 17.96 22.03 12.36
CA GLN A 56 18.25 20.88 13.22
C GLN A 56 18.19 19.61 12.39
N CYS A 57 19.07 18.67 12.71
CA CYS A 57 19.06 17.37 12.08
C CYS A 57 18.28 16.41 12.96
N ASP A 58 17.51 15.54 12.32
CA ASP A 58 16.77 14.49 13.03
C ASP A 58 17.53 13.19 12.85
N CYS A 59 18.21 12.76 13.91
CA CYS A 59 19.09 11.60 13.88
C CYS A 59 18.37 10.32 14.27
N THR A 60 17.04 10.31 14.22
CA THR A 60 16.27 9.21 14.78
C THR A 60 16.49 7.95 13.97
N ARG A 61 16.95 6.89 14.65
CA ARG A 61 17.19 5.58 14.06
C ARG A 61 18.16 5.66 12.88
N THR A 62 18.99 6.70 12.83
CA THR A 62 20.08 6.76 11.87
C THR A 62 21.29 5.95 12.31
N GLY A 63 21.34 5.55 13.57
CA GLY A 63 22.51 4.91 14.12
C GLY A 63 23.53 5.87 14.67
N TYR A 64 23.39 7.17 14.39
CA TYR A 64 24.30 8.18 14.91
C TYR A 64 23.53 9.17 15.77
N SER A 65 24.29 10.05 16.42
CA SER A 65 23.73 11.16 17.17
C SER A 65 24.59 12.39 16.91
N GLY A 66 24.29 13.48 17.61
CA GLY A 66 25.04 14.71 17.46
C GLY A 66 24.30 15.73 16.62
N PRO A 67 24.91 16.91 16.42
CA PRO A 67 24.25 17.95 15.62
C PRO A 67 24.15 17.61 14.15
N ASN A 68 25.20 17.05 13.56
CA ASN A 68 25.21 16.68 12.15
C ASN A 68 24.81 15.22 11.92
N CYS A 69 24.42 14.50 12.96
CA CYS A 69 24.26 13.03 12.94
C CYS A 69 25.56 12.37 12.49
N THR A 70 26.65 12.69 13.18
CA THR A 70 27.96 12.11 12.89
C THR A 70 28.59 11.38 14.06
N ILE A 71 28.04 11.48 15.26
CA ILE A 71 28.58 10.79 16.42
C ILE A 71 28.03 9.37 16.44
N PRO A 72 28.84 8.36 16.16
CA PRO A 72 28.31 7.00 15.98
C PRO A 72 27.98 6.33 17.31
N GLU A 73 26.96 5.47 17.26
CA GLU A 73 26.66 4.61 18.39
C GLU A 73 27.65 3.44 18.43
N ILE A 74 27.55 2.65 19.49
CA ILE A 74 28.57 1.61 19.73
C ILE A 74 28.45 0.51 18.68
N TRP A 75 27.23 0.06 18.38
CA TRP A 75 27.06 -1.01 17.41
C TRP A 75 27.35 -0.51 16.01
N THR A 76 27.05 0.76 15.74
CA THR A 76 27.27 1.30 14.41
C THR A 76 28.75 1.50 14.16
N TRP A 77 29.49 1.89 15.20
CA TRP A 77 30.93 2.00 15.06
C TRP A 77 31.56 0.64 14.82
N LEU A 78 31.09 -0.38 15.55
CA LEU A 78 31.65 -1.71 15.34
C LEU A 78 31.37 -2.22 13.92
N ARG A 79 30.14 -2.00 13.44
CA ARG A 79 29.81 -2.47 12.11
C ARG A 79 30.38 -1.59 11.01
N THR A 80 30.79 -0.37 11.34
CA THR A 80 31.46 0.50 10.37
C THR A 80 32.92 0.09 10.21
N THR A 81 33.61 -0.17 11.31
CA THR A 81 35.02 -0.59 11.19
C THR A 81 35.13 -2.00 10.63
N LEU A 82 34.14 -2.87 10.87
CA LEU A 82 34.17 -4.22 10.32
C LEU A 82 33.52 -4.34 8.94
N ARG A 83 33.27 -3.21 8.26
CA ARG A 83 32.55 -3.24 6.98
C ARG A 83 33.54 -3.23 5.83
N PRO A 84 33.62 -4.30 5.03
CA PRO A 84 34.50 -4.28 3.85
C PRO A 84 33.89 -3.43 2.73
N SER A 85 34.79 -2.97 1.85
CA SER A 85 34.38 -2.06 0.78
C SER A 85 33.55 -2.79 -0.27
N PRO A 86 32.68 -2.07 -0.99
CA PRO A 86 31.87 -2.74 -2.02
C PRO A 86 32.69 -3.34 -3.14
N SER A 87 33.86 -2.78 -3.46
CA SER A 87 34.71 -3.36 -4.49
C SER A 87 35.31 -4.68 -4.03
N PHE A 88 35.59 -4.80 -2.73
CA PHE A 88 36.12 -6.05 -2.19
C PHE A 88 35.04 -7.13 -2.18
N ILE A 89 33.82 -6.76 -1.82
CA ILE A 89 32.71 -7.72 -1.88
C ILE A 89 32.49 -8.15 -3.33
N HIS A 90 32.60 -7.22 -4.28
CA HIS A 90 32.46 -7.61 -5.67
C HIS A 90 33.58 -8.56 -6.07
N PHE A 91 34.76 -8.37 -5.49
CA PHE A 91 35.86 -9.29 -5.77
C PHE A 91 35.57 -10.69 -5.23
N LEU A 92 35.03 -10.78 -4.01
CA LEU A 92 34.72 -12.10 -3.47
C LEU A 92 33.59 -12.78 -4.23
N LEU A 93 32.61 -12.01 -4.68
CA LEU A 93 31.47 -12.62 -5.36
C LEU A 93 31.78 -12.99 -6.81
N THR A 94 32.78 -12.37 -7.42
CA THR A 94 33.11 -12.65 -8.81
C THR A 94 34.34 -13.53 -8.97
N HIS A 95 35.01 -13.92 -7.88
CA HIS A 95 36.16 -14.82 -7.93
C HIS A 95 35.93 -15.99 -6.97
N GLY A 96 36.88 -16.92 -6.94
CA GLY A 96 36.83 -18.00 -5.98
C GLY A 96 35.79 -19.06 -6.31
N ARG A 97 35.89 -19.58 -7.54
CA ARG A 97 34.87 -20.47 -8.06
C ARG A 97 34.77 -21.76 -7.25
N TRP A 98 35.90 -22.24 -6.73
CA TRP A 98 35.89 -23.44 -5.91
C TRP A 98 35.11 -23.23 -4.63
N LEU A 99 35.19 -22.03 -4.05
CA LEU A 99 34.44 -21.73 -2.83
C LEU A 99 32.95 -21.65 -3.11
N TRP A 100 32.57 -20.96 -4.18
CA TRP A 100 31.15 -20.77 -4.46
C TRP A 100 30.49 -22.03 -4.97
N ASP A 101 31.25 -22.98 -5.51
CA ASP A 101 30.66 -24.27 -5.84
C ASP A 101 30.26 -25.02 -4.57
N PHE A 102 30.98 -24.79 -3.47
CA PHE A 102 30.57 -25.34 -2.18
C PHE A 102 29.41 -24.54 -1.58
N VAL A 103 29.45 -23.21 -1.72
CA VAL A 103 28.41 -22.39 -1.12
C VAL A 103 27.06 -22.65 -1.78
N ASN A 104 27.04 -22.80 -3.10
CA ASN A 104 25.78 -22.97 -3.81
C ASN A 104 25.11 -24.30 -3.51
N ALA A 105 25.87 -25.31 -3.08
CA ALA A 105 25.36 -26.64 -2.80
C ALA A 105 24.90 -26.79 -1.35
N THR A 106 25.00 -25.74 -0.54
CA THR A 106 24.64 -25.83 0.86
C THR A 106 23.65 -24.74 1.25
N PHE A 107 23.33 -24.64 2.54
CA PHE A 107 22.40 -23.64 3.02
C PHE A 107 23.02 -22.25 3.02
N ILE A 108 24.33 -22.14 2.84
CA ILE A 108 24.94 -20.81 2.86
C ILE A 108 24.41 -19.98 1.70
N ARG A 109 24.06 -20.65 0.59
CA ARG A 109 23.41 -19.97 -0.52
C ARG A 109 22.13 -19.29 -0.06
N ASP A 110 21.33 -19.96 0.75
CA ASP A 110 20.12 -19.34 1.26
C ASP A 110 20.45 -18.24 2.26
N THR A 111 21.54 -18.38 3.03
CA THR A 111 21.85 -17.38 4.03
C THR A 111 22.26 -16.06 3.38
N LEU A 112 23.20 -16.13 2.45
CA LEU A 112 23.69 -14.92 1.82
C LEU A 112 22.61 -14.25 1.00
N MET A 113 21.73 -15.05 0.38
CA MET A 113 20.63 -14.44 -0.36
C MET A 113 19.75 -13.63 0.57
N ARG A 114 19.43 -14.19 1.75
CA ARG A 114 18.65 -13.41 2.71
C ARG A 114 19.40 -12.14 3.07
N LEU A 115 20.72 -12.25 3.22
CA LEU A 115 21.54 -11.09 3.56
C LEU A 115 21.49 -10.07 2.44
N VAL A 116 21.57 -10.55 1.18
CA VAL A 116 21.48 -9.61 0.06
C VAL A 116 20.13 -8.90 0.08
N LEU A 117 19.05 -9.64 0.35
CA LEU A 117 17.72 -9.04 0.28
C LEU A 117 17.50 -8.04 1.42
N THR A 118 17.83 -8.43 2.64
CA THR A 118 17.51 -7.60 3.79
C THR A 118 18.38 -6.36 3.84
N VAL A 119 19.67 -6.50 3.55
CA VAL A 119 20.59 -5.37 3.71
C VAL A 119 20.32 -4.32 2.65
N ARG A 120 20.03 -4.74 1.41
CA ARG A 120 19.87 -3.74 0.37
C ARG A 120 18.50 -3.07 0.43
N SER A 121 17.44 -3.85 0.65
CA SER A 121 16.12 -3.24 0.63
C SER A 121 15.87 -2.41 1.89
N ASN A 122 16.63 -2.67 2.97
CA ASN A 122 16.56 -1.81 4.15
C ASN A 122 16.94 -0.38 3.80
N LEU A 123 17.67 -0.19 2.70
CA LEU A 123 18.20 1.11 2.35
C LEU A 123 17.19 1.97 1.63
N ILE A 124 16.06 1.39 1.23
CA ILE A 124 14.98 2.08 0.54
C ILE A 124 13.85 2.37 1.52
N PRO A 125 13.34 3.60 1.60
CA PRO A 125 12.29 3.92 2.58
C PRO A 125 10.96 3.30 2.18
N SER A 126 10.40 2.51 3.09
CA SER A 126 9.05 1.97 2.91
C SER A 126 8.28 2.08 4.23
N PRO A 127 7.21 2.87 4.30
CA PRO A 127 6.52 3.70 3.29
C PRO A 127 7.40 4.80 2.67
N PRO A 128 7.09 5.19 1.43
CA PRO A 128 7.92 6.18 0.73
C PRO A 128 7.81 7.55 1.38
N THR A 129 8.84 8.38 1.14
CA THR A 129 8.99 9.62 1.89
C THR A 129 8.56 10.87 1.11
N TYR A 130 9.22 11.18 0.01
CA TYR A 130 9.07 12.50 -0.61
C TYR A 130 8.56 12.35 -2.05
N ASN A 131 8.39 13.49 -2.73
CA ASN A 131 8.08 13.52 -4.16
C ASN A 131 8.52 14.87 -4.71
N ILE A 132 8.14 15.15 -5.97
CA ILE A 132 8.53 16.41 -6.60
C ILE A 132 7.88 17.60 -5.90
N ALA A 133 6.71 17.39 -5.29
CA ALA A 133 5.99 18.48 -4.64
C ALA A 133 6.50 18.73 -3.21
N HIS A 134 6.71 17.67 -2.44
CA HIS A 134 6.98 17.79 -1.00
C HIS A 134 8.37 17.27 -0.69
N ASP A 135 9.22 18.14 -0.13
CA ASP A 135 10.53 17.75 0.37
C ASP A 135 10.47 17.37 1.85
N TYR A 136 9.32 16.86 2.27
CA TYR A 136 9.05 16.47 3.65
C TYR A 136 8.03 15.34 3.59
N ILE A 137 7.76 14.73 4.74
CA ILE A 137 6.81 13.62 4.78
C ILE A 137 5.40 14.20 4.90
N SER A 138 4.49 13.71 4.07
CA SER A 138 3.14 14.24 4.01
C SER A 138 2.16 13.12 3.69
N TRP A 139 0.89 13.33 4.03
CA TRP A 139 -0.12 12.35 3.64
C TRP A 139 -0.35 12.36 2.14
N GLU A 140 -0.19 13.51 1.49
CA GLU A 140 -0.39 13.58 0.05
C GLU A 140 0.71 12.81 -0.69
N SER A 141 1.94 12.86 -0.18
CA SER A 141 3.01 12.08 -0.78
C SER A 141 2.79 10.59 -0.58
N PHE A 142 2.15 10.21 0.53
CA PHE A 142 1.86 8.80 0.77
C PHE A 142 0.77 8.29 -0.16
N SER A 143 -0.37 8.98 -0.22
CA SER A 143 -1.57 8.40 -0.83
C SER A 143 -1.65 8.59 -2.34
N ASN A 144 -1.11 9.68 -2.89
CA ASN A 144 -1.25 10.00 -4.30
C ASN A 144 -0.16 9.25 -5.09
N VAL A 145 -0.53 8.14 -5.72
CA VAL A 145 0.42 7.29 -6.42
C VAL A 145 0.72 7.82 -7.81
N SER A 146 0.19 9.01 -8.13
CA SER A 146 0.50 9.63 -9.41
C SER A 146 1.93 10.17 -9.43
N TYR A 147 2.43 10.61 -8.27
CA TYR A 147 3.81 11.03 -8.14
C TYR A 147 4.77 9.86 -8.27
N TYR A 148 5.98 10.16 -8.75
CA TYR A 148 7.12 9.35 -8.34
C TYR A 148 7.56 9.83 -6.96
N THR A 149 8.23 8.94 -6.23
CA THR A 149 8.85 9.32 -4.97
C THR A 149 10.32 9.62 -5.22
N ARG A 150 11.03 10.00 -4.16
CA ARG A 150 12.44 10.30 -4.26
C ARG A 150 13.10 10.02 -2.93
N ILE A 151 14.37 9.60 -2.98
CA ILE A 151 15.09 9.16 -1.79
C ILE A 151 15.61 10.36 -1.01
N LEU A 152 16.28 11.27 -1.69
CA LEU A 152 16.74 12.49 -1.08
C LEU A 152 15.84 13.65 -1.48
N PRO A 153 15.76 14.70 -0.66
CA PRO A 153 14.94 15.86 -1.03
C PRO A 153 15.48 16.57 -2.26
N SER A 154 14.75 17.57 -2.73
CA SER A 154 15.26 18.36 -3.83
C SER A 154 16.33 19.33 -3.32
N VAL A 155 17.10 19.86 -4.25
CA VAL A 155 17.93 21.03 -3.91
C VAL A 155 17.00 22.22 -3.67
N PRO A 156 17.09 22.89 -2.53
CA PRO A 156 16.14 23.98 -2.24
C PRO A 156 16.26 25.13 -3.25
N ARG A 157 15.16 25.86 -3.40
CA ARG A 157 15.09 26.92 -4.41
C ARG A 157 15.96 28.12 -4.06
N ASP A 158 16.20 28.35 -2.77
CA ASP A 158 16.98 29.49 -2.30
C ASP A 158 18.45 29.14 -2.10
N CYS A 159 18.99 28.20 -2.87
CA CYS A 159 20.41 27.90 -2.79
C CYS A 159 21.19 28.78 -3.77
N PRO A 160 22.44 29.12 -3.45
CA PRO A 160 23.25 29.93 -4.36
C PRO A 160 23.53 29.19 -5.67
N THR A 161 24.10 28.00 -5.53
CA THR A 161 24.43 27.09 -6.62
C THR A 161 23.19 26.25 -6.97
N PRO A 162 22.99 25.92 -8.25
CA PRO A 162 21.89 25.02 -8.59
C PRO A 162 22.00 23.64 -7.98
N MET A 163 23.18 23.24 -7.50
CA MET A 163 23.38 21.94 -6.85
C MET A 163 23.56 22.07 -5.35
N ASP A 164 23.21 23.21 -4.77
CA ASP A 164 23.44 23.43 -3.36
C ASP A 164 24.28 24.67 -3.12
N THR A 165 25.52 24.46 -2.65
CA THR A 165 26.45 25.56 -2.42
C THR A 165 27.74 25.46 -3.22
N LYS A 166 28.14 24.27 -3.65
CA LYS A 166 29.41 24.05 -4.33
C LYS A 166 29.18 23.88 -5.81
N GLY A 167 29.98 24.59 -6.62
CA GLY A 167 29.88 24.51 -8.07
C GLY A 167 29.81 25.88 -8.69
N LYS A 168 29.49 25.90 -9.98
CA LYS A 168 29.35 27.13 -10.74
C LYS A 168 27.92 27.66 -10.64
N LYS A 169 27.76 28.94 -11.01
CA LYS A 169 26.45 29.58 -10.93
C LYS A 169 25.47 29.03 -11.97
N GLN A 170 25.97 28.43 -13.05
CA GLN A 170 25.14 27.67 -13.97
C GLN A 170 25.85 26.37 -14.34
N LEU A 171 25.06 25.38 -14.72
CA LEU A 171 25.51 24.03 -14.97
C LEU A 171 25.90 23.83 -16.42
N PRO A 172 26.73 22.82 -16.71
CA PRO A 172 27.16 22.59 -18.10
C PRO A 172 26.00 22.27 -19.02
N ASP A 173 26.24 22.49 -20.31
CA ASP A 173 25.25 22.19 -21.33
C ASP A 173 25.04 20.68 -21.42
N ALA A 174 23.78 20.25 -21.39
CA ALA A 174 23.50 18.82 -21.43
C ALA A 174 23.86 18.23 -22.79
N GLU A 175 23.69 19.00 -23.86
CA GLU A 175 24.09 18.53 -25.17
C GLU A 175 25.60 18.42 -25.29
N PHE A 176 26.34 19.33 -24.64
CA PHE A 176 27.79 19.27 -24.71
C PHE A 176 28.35 18.15 -23.84
N LEU A 177 27.73 17.90 -22.67
CA LEU A 177 28.16 16.78 -21.86
C LEU A 177 27.86 15.47 -22.56
N SER A 178 26.71 15.38 -23.23
CA SER A 178 26.36 14.15 -23.93
C SER A 178 27.25 13.95 -25.15
N ARG A 179 27.54 15.02 -25.88
CA ARG A 179 28.35 14.91 -27.07
C ARG A 179 29.80 14.58 -26.72
N ARG A 180 30.33 15.20 -25.67
CA ARG A 180 31.73 15.07 -25.34
C ARG A 180 32.03 13.84 -24.50
N PHE A 181 31.11 13.42 -23.63
CA PHE A 181 31.40 12.36 -22.68
C PHE A 181 30.53 11.11 -22.81
N LEU A 182 29.32 11.21 -23.35
CA LEU A 182 28.43 10.07 -23.43
C LEU A 182 28.26 9.51 -24.85
N LEU A 183 28.68 10.26 -25.87
CA LEU A 183 28.46 9.82 -27.25
C LEU A 183 29.43 8.70 -27.62
N ARG A 184 28.88 7.63 -28.19
CA ARG A 184 29.70 6.52 -28.66
C ARG A 184 30.53 6.95 -29.85
N ARG A 185 31.84 6.67 -29.78
CA ARG A 185 32.71 6.80 -30.95
C ARG A 185 32.94 5.44 -31.59
N LYS A 186 33.53 4.52 -30.84
CA LYS A 186 33.66 3.13 -31.23
C LYS A 186 32.84 2.29 -30.27
N PHE A 187 32.24 1.22 -30.80
CA PHE A 187 31.36 0.38 -30.00
C PHE A 187 32.18 -0.35 -28.94
N ILE A 188 31.82 -0.13 -27.68
CA ILE A 188 32.45 -0.84 -26.58
C ILE A 188 31.52 -1.96 -26.12
N PRO A 189 31.78 -3.21 -26.47
CA PRO A 189 30.88 -4.28 -26.06
C PRO A 189 31.00 -4.57 -24.57
N ASP A 190 29.94 -5.11 -24.00
CA ASP A 190 29.95 -5.54 -22.61
C ASP A 190 30.91 -6.71 -22.39
N PRO A 191 31.93 -6.55 -21.54
CA PRO A 191 32.89 -7.64 -21.35
C PRO A 191 32.28 -8.83 -20.65
N GLN A 192 31.12 -8.64 -20.06
CA GLN A 192 30.41 -9.64 -19.28
C GLN A 192 29.50 -10.52 -20.14
N SER A 193 29.34 -10.19 -21.42
CA SER A 193 28.70 -11.07 -22.37
C SER A 193 27.23 -10.82 -22.65
N THR A 194 26.73 -9.61 -22.39
CA THR A 194 25.30 -9.36 -22.34
C THR A 194 24.67 -9.30 -23.73
N ASN A 195 23.52 -9.94 -23.88
CA ASN A 195 22.75 -9.99 -25.11
C ASN A 195 21.98 -8.69 -25.37
N LEU A 196 21.48 -8.58 -26.60
CA LEU A 196 20.34 -7.71 -26.87
C LEU A 196 19.03 -8.36 -26.46
N MET A 197 18.99 -9.68 -26.33
CA MET A 197 17.86 -10.33 -25.69
C MET A 197 17.71 -9.81 -24.27
N PHE A 198 18.85 -9.65 -23.57
CA PHE A 198 18.84 -9.00 -22.27
C PHE A 198 18.35 -7.58 -22.37
N ALA A 199 18.83 -6.83 -23.36
CA ALA A 199 18.58 -5.39 -23.37
C ALA A 199 17.14 -5.08 -23.73
N PHE A 200 16.56 -5.83 -24.67
CA PHE A 200 15.14 -5.66 -24.95
C PHE A 200 14.29 -6.23 -23.85
N PHE A 201 14.80 -7.24 -23.12
CA PHE A 201 14.09 -7.65 -21.91
C PHE A 201 14.09 -6.54 -20.88
N ALA A 202 15.21 -5.81 -20.76
CA ALA A 202 15.30 -4.73 -19.80
C ALA A 202 14.47 -3.54 -20.20
N GLN A 203 14.27 -3.34 -21.50
CA GLN A 203 13.40 -2.24 -21.92
C GLN A 203 11.94 -2.63 -21.75
N HIS A 204 11.62 -3.88 -22.07
CA HIS A 204 10.25 -4.38 -21.92
C HIS A 204 9.86 -4.46 -20.46
N PHE A 205 10.76 -4.98 -19.62
CA PHE A 205 10.46 -5.20 -18.21
C PHE A 205 10.28 -3.89 -17.47
N THR A 206 11.09 -2.89 -17.78
CA THR A 206 11.12 -1.68 -16.96
C THR A 206 10.08 -0.67 -17.36
N HIS A 207 9.42 -0.85 -18.50
CA HIS A 207 8.39 0.08 -18.93
C HIS A 207 7.01 -0.31 -18.43
N GLN A 208 6.92 -1.23 -17.48
CA GLN A 208 5.67 -1.43 -16.75
C GLN A 208 5.58 -0.56 -15.50
N PHE A 209 6.71 -0.04 -15.02
CA PHE A 209 6.72 0.90 -13.91
C PHE A 209 7.43 2.21 -14.22
N PHE A 210 7.87 2.41 -15.47
CA PHE A 210 8.41 3.67 -15.95
C PHE A 210 7.50 4.15 -17.07
N LYS A 211 6.44 4.88 -16.72
CA LYS A 211 5.54 5.49 -17.70
C LYS A 211 5.33 6.94 -17.26
N THR A 212 6.27 7.81 -17.64
CA THR A 212 6.19 9.19 -17.20
C THR A 212 5.10 9.90 -17.97
N SER A 213 4.26 10.65 -17.25
CA SER A 213 3.09 11.30 -17.83
C SER A 213 3.50 12.54 -18.61
N GLY A 214 3.25 12.54 -19.91
CA GLY A 214 3.48 13.74 -20.69
C GLY A 214 2.49 14.85 -20.35
N LYS A 215 1.27 14.47 -19.98
CA LYS A 215 0.26 15.48 -19.60
C LYS A 215 0.62 16.12 -18.27
N MET A 216 0.91 15.31 -17.25
CA MET A 216 1.15 15.84 -15.91
C MET A 216 2.57 16.37 -15.75
N GLY A 217 3.53 15.83 -16.49
CA GLY A 217 4.87 16.36 -16.49
C GLY A 217 5.86 15.44 -15.83
N PRO A 218 7.09 15.91 -15.65
CA PRO A 218 8.10 15.10 -14.97
C PRO A 218 7.79 14.97 -13.49
N GLY A 219 8.20 13.84 -12.92
CA GLY A 219 7.86 13.50 -11.57
C GLY A 219 6.51 12.84 -11.39
N PHE A 220 5.79 12.57 -12.48
CA PHE A 220 4.48 11.93 -12.43
C PHE A 220 4.49 10.72 -13.35
N THR A 221 3.74 9.68 -12.94
CA THR A 221 3.74 8.42 -13.67
C THR A 221 2.32 7.96 -13.97
N LYS A 222 2.16 7.28 -15.11
CA LYS A 222 0.92 6.62 -15.47
C LYS A 222 0.86 5.18 -14.97
N ALA A 223 2.00 4.59 -14.64
CA ALA A 223 2.07 3.21 -14.17
C ALA A 223 1.83 3.22 -12.67
N LEU A 224 0.57 3.09 -12.27
CA LEU A 224 0.21 3.28 -10.89
C LEU A 224 0.45 2.03 -10.06
N GLY A 225 0.78 0.89 -10.68
CA GLY A 225 1.14 -0.29 -9.92
C GLY A 225 2.48 -0.15 -9.22
N HIS A 226 3.36 0.71 -9.75
CA HIS A 226 4.66 1.01 -9.14
C HIS A 226 5.53 -0.24 -8.98
N GLY A 227 5.38 -1.21 -9.88
CA GLY A 227 6.17 -2.41 -9.77
C GLY A 227 5.86 -3.45 -10.83
N VAL A 228 6.05 -4.72 -10.47
CA VAL A 228 5.86 -5.82 -11.42
C VAL A 228 4.39 -6.22 -11.31
N ASP A 229 3.53 -5.42 -11.96
CA ASP A 229 2.12 -5.74 -12.10
C ASP A 229 1.79 -6.26 -13.49
N LEU A 230 2.77 -6.24 -14.40
CA LEU A 230 2.56 -6.60 -15.80
C LEU A 230 1.52 -5.72 -16.48
N GLY A 231 1.45 -4.46 -16.04
CA GLY A 231 0.63 -3.48 -16.74
C GLY A 231 1.13 -3.11 -18.11
N HIS A 232 2.33 -3.56 -18.46
CA HIS A 232 2.83 -3.47 -19.82
C HIS A 232 2.30 -4.59 -20.69
N ILE A 233 1.53 -5.50 -20.09
CA ILE A 233 0.88 -6.60 -20.80
C ILE A 233 -0.64 -6.50 -20.71
N TYR A 234 -1.15 -6.17 -19.54
CA TYR A 234 -2.59 -6.14 -19.28
C TYR A 234 -3.15 -4.74 -19.22
N GLY A 235 -2.34 -3.71 -19.42
CA GLY A 235 -2.84 -2.35 -19.40
C GLY A 235 -2.71 -1.72 -18.02
N ASP A 236 -2.48 -0.41 -18.02
CA ASP A 236 -2.34 0.37 -16.80
C ASP A 236 -3.67 0.86 -16.24
N ASN A 237 -4.79 0.55 -16.90
CA ASN A 237 -6.09 0.79 -16.32
C ASN A 237 -7.06 -0.31 -16.78
N LEU A 238 -8.22 -0.36 -16.13
CA LEU A 238 -9.10 -1.50 -16.27
C LEU A 238 -9.83 -1.52 -17.61
N GLU A 239 -10.13 -0.34 -18.16
CA GLU A 239 -10.88 -0.29 -19.41
C GLU A 239 -10.04 -0.83 -20.56
N ARG A 240 -8.75 -0.48 -20.60
CA ARG A 240 -7.83 -1.05 -21.58
C ARG A 240 -7.70 -2.56 -21.38
N GLN A 241 -7.71 -2.99 -20.12
CA GLN A 241 -7.65 -4.41 -19.83
C GLN A 241 -8.83 -5.16 -20.41
N TYR A 242 -10.04 -4.60 -20.28
CA TYR A 242 -11.18 -5.29 -20.87
C TYR A 242 -11.14 -5.19 -22.38
N GLN A 243 -10.52 -4.15 -22.93
CA GLN A 243 -10.36 -4.09 -24.37
C GLN A 243 -9.42 -5.16 -24.89
N LEU A 244 -8.49 -5.64 -24.05
CA LEU A 244 -7.53 -6.64 -24.51
C LEU A 244 -7.94 -8.07 -24.21
N ARG A 245 -8.98 -8.29 -23.41
CA ARG A 245 -9.34 -9.64 -22.99
C ARG A 245 -10.35 -10.28 -23.93
N LEU A 246 -10.15 -11.58 -24.20
CA LEU A 246 -11.07 -12.34 -25.04
C LEU A 246 -12.38 -12.65 -24.33
N PHE A 247 -12.38 -12.66 -23.00
CA PHE A 247 -13.53 -13.04 -22.18
C PHE A 247 -14.03 -14.46 -22.50
N LYS A 248 -13.11 -15.32 -22.93
CA LYS A 248 -13.36 -16.75 -23.07
C LYS A 248 -12.15 -17.47 -22.53
N ASP A 249 -12.36 -18.32 -21.54
CA ASP A 249 -11.30 -19.14 -20.95
C ASP A 249 -10.19 -18.28 -20.38
N GLY A 250 -10.51 -17.05 -19.98
CA GLY A 250 -9.54 -16.17 -19.36
C GLY A 250 -8.44 -15.67 -20.26
N LYS A 251 -8.57 -15.82 -21.57
CA LYS A 251 -7.47 -15.56 -22.47
C LYS A 251 -7.41 -14.08 -22.85
N LEU A 252 -6.30 -13.72 -23.49
CA LEU A 252 -6.16 -12.43 -24.16
C LEU A 252 -6.50 -12.60 -25.63
N LYS A 253 -6.91 -11.49 -26.25
CA LYS A 253 -7.23 -11.51 -27.67
C LYS A 253 -5.94 -11.65 -28.48
N TYR A 254 -6.07 -12.23 -29.66
CA TYR A 254 -4.89 -12.57 -30.45
C TYR A 254 -5.30 -12.75 -31.90
N GLN A 255 -4.30 -12.80 -32.78
CA GLN A 255 -4.55 -13.01 -34.20
C GLN A 255 -3.52 -13.99 -34.74
N MET A 256 -3.90 -14.68 -35.80
CA MET A 256 -3.10 -15.76 -36.39
C MET A 256 -2.48 -15.26 -37.68
N LEU A 257 -1.15 -15.25 -37.74
CA LEU A 257 -0.42 -14.87 -38.94
C LEU A 257 0.61 -15.94 -39.25
N ASN A 258 0.50 -16.53 -40.45
CA ASN A 258 1.40 -17.58 -40.91
C ASN A 258 1.35 -18.81 -40.00
N GLY A 259 0.21 -19.05 -39.38
CA GLY A 259 0.07 -20.14 -38.43
C GLY A 259 0.64 -19.86 -37.06
N GLU A 260 1.03 -18.62 -36.77
CA GLU A 260 1.67 -18.26 -35.52
C GLU A 260 0.83 -17.22 -34.78
N VAL A 261 0.86 -17.29 -33.45
CA VAL A 261 0.03 -16.46 -32.59
C VAL A 261 0.73 -15.12 -32.34
N TYR A 262 0.03 -14.04 -32.63
CA TYR A 262 0.52 -12.68 -32.48
C TYR A 262 -0.52 -11.85 -31.74
N PRO A 263 -0.13 -10.70 -31.19
CA PRO A 263 -1.12 -9.83 -30.58
C PRO A 263 -2.11 -9.38 -31.61
N PRO A 264 -3.34 -9.06 -31.19
CA PRO A 264 -4.40 -8.77 -32.15
C PRO A 264 -4.25 -7.39 -32.75
N SER A 265 -5.04 -7.14 -33.80
CA SER A 265 -5.07 -5.84 -34.46
C SER A 265 -5.85 -4.84 -33.60
N VAL A 266 -5.56 -3.56 -33.81
CA VAL A 266 -6.30 -2.52 -33.09
C VAL A 266 -7.72 -2.42 -33.62
N GLU A 267 -7.99 -2.97 -34.80
CA GLU A 267 -9.37 -3.03 -35.28
C GLU A 267 -10.16 -4.06 -34.49
N GLU A 268 -9.49 -5.09 -33.97
CA GLU A 268 -10.12 -6.07 -33.11
C GLU A 268 -10.07 -5.70 -31.63
N ALA A 269 -9.02 -4.98 -31.21
CA ALA A 269 -8.85 -4.54 -29.82
C ALA A 269 -8.65 -3.03 -29.82
N PRO A 270 -9.72 -2.28 -29.89
CA PRO A 270 -9.60 -0.83 -30.10
C PRO A 270 -9.16 -0.05 -28.87
N VAL A 271 -7.85 0.05 -28.64
CA VAL A 271 -7.34 0.85 -27.54
C VAL A 271 -6.14 1.66 -28.00
N LEU A 272 -5.83 2.71 -27.25
CA LEU A 272 -4.86 3.73 -27.65
C LEU A 272 -3.46 3.11 -27.78
N MET A 273 -2.92 3.15 -28.99
CA MET A 273 -1.59 2.64 -29.31
C MET A 273 -0.82 3.68 -30.11
N HIS A 274 0.31 4.12 -29.59
CA HIS A 274 1.16 5.06 -30.33
C HIS A 274 1.80 4.38 -31.52
N TYR A 275 1.66 5.01 -32.68
CA TYR A 275 2.13 4.47 -33.95
C TYR A 275 2.43 5.62 -34.88
N PRO A 276 3.17 5.38 -35.96
CA PRO A 276 3.36 6.43 -36.98
C PRO A 276 2.02 6.90 -37.53
N ARG A 277 1.84 8.22 -37.56
CA ARG A 277 0.63 8.81 -38.12
C ARG A 277 0.55 8.47 -39.60
N GLY A 278 -0.37 7.58 -39.96
CA GLY A 278 -0.46 7.10 -41.32
C GLY A 278 0.20 5.76 -41.54
N ILE A 279 -0.08 4.83 -40.63
CA ILE A 279 0.32 3.43 -40.78
C ILE A 279 -0.89 2.73 -41.38
N PRO A 280 -0.79 1.48 -41.84
CA PRO A 280 -2.00 0.67 -42.09
C PRO A 280 -2.45 -0.08 -40.86
N PRO A 281 -3.30 0.49 -39.99
CA PRO A 281 -3.98 -0.35 -39.00
C PRO A 281 -4.84 -1.38 -39.74
N GLN A 282 -5.04 -2.51 -39.07
CA GLN A 282 -5.15 -3.88 -39.59
C GLN A 282 -3.74 -4.44 -39.73
N SER A 283 -2.71 -3.64 -39.45
CA SER A 283 -1.37 -4.13 -39.21
C SER A 283 -0.77 -3.53 -37.93
N GLN A 284 -1.53 -2.69 -37.21
CA GLN A 284 -1.15 -2.33 -35.86
C GLN A 284 -1.40 -3.51 -34.92
N MET A 285 -0.64 -3.56 -33.83
CA MET A 285 -0.86 -4.56 -32.81
C MET A 285 -1.15 -3.86 -31.49
N ALA A 286 -2.09 -4.42 -30.73
CA ALA A 286 -2.57 -3.84 -29.48
C ALA A 286 -2.00 -4.64 -28.33
N VAL A 287 -1.25 -3.98 -27.45
CA VAL A 287 -0.66 -4.59 -26.28
C VAL A 287 -0.86 -3.65 -25.09
N GLY A 288 -0.35 -4.05 -23.92
CA GLY A 288 -0.66 -3.32 -22.71
C GLY A 288 0.03 -1.96 -22.65
N GLN A 289 1.26 -1.91 -23.15
CA GLN A 289 2.06 -0.68 -23.16
C GLN A 289 1.87 0.06 -24.49
N GLU A 290 1.61 1.36 -24.40
CA GLU A 290 1.19 2.14 -25.56
C GLU A 290 2.31 2.30 -26.59
N VAL A 291 3.57 2.13 -26.19
CA VAL A 291 4.71 2.43 -27.07
C VAL A 291 5.39 1.18 -27.58
N PHE A 292 4.89 -0.01 -27.27
CA PHE A 292 5.57 -1.23 -27.68
C PHE A 292 5.48 -1.49 -29.18
N GLY A 293 4.67 -0.71 -29.90
CA GLY A 293 4.66 -0.81 -31.35
C GLY A 293 5.89 -0.22 -32.00
N LEU A 294 6.59 0.67 -31.31
CA LEU A 294 7.68 1.43 -31.91
C LEU A 294 8.99 0.66 -32.03
N LEU A 295 9.15 -0.49 -31.35
CA LEU A 295 10.35 -1.31 -31.49
C LEU A 295 9.96 -2.77 -31.68
N PRO A 296 10.64 -3.47 -32.60
CA PRO A 296 10.31 -4.88 -32.83
C PRO A 296 10.64 -5.81 -31.67
N GLY A 297 11.66 -5.50 -30.87
CA GLY A 297 11.98 -6.38 -29.74
C GLY A 297 10.98 -6.26 -28.61
N LEU A 298 10.41 -5.06 -28.45
CA LEU A 298 9.40 -4.87 -27.42
C LEU A 298 8.14 -5.63 -27.77
N MET A 299 7.75 -5.59 -29.05
CA MET A 299 6.59 -6.36 -29.51
C MET A 299 6.93 -7.85 -29.57
N LEU A 300 8.21 -8.20 -29.68
CA LEU A 300 8.64 -9.58 -29.54
C LEU A 300 8.30 -10.10 -28.15
N TYR A 301 8.72 -9.37 -27.11
CA TYR A 301 8.43 -9.85 -25.76
C TYR A 301 6.94 -9.81 -25.46
N ALA A 302 6.22 -8.81 -25.97
CA ALA A 302 4.78 -8.79 -25.74
C ALA A 302 4.11 -9.99 -26.40
N THR A 303 4.62 -10.43 -27.56
CA THR A 303 4.11 -11.64 -28.18
C THR A 303 4.40 -12.87 -27.33
N ILE A 304 5.61 -12.94 -26.77
CA ILE A 304 5.98 -14.11 -25.99
C ILE A 304 5.12 -14.20 -24.74
N TRP A 305 4.93 -13.08 -24.04
CA TRP A 305 4.13 -13.12 -22.83
C TRP A 305 2.66 -13.36 -23.12
N LEU A 306 2.16 -12.90 -24.27
CA LEU A 306 0.76 -13.17 -24.58
C LEU A 306 0.56 -14.66 -24.86
N ARG A 307 1.49 -15.28 -25.58
CA ARG A 307 1.40 -16.73 -25.78
C ARG A 307 1.49 -17.47 -24.45
N GLU A 308 2.31 -16.96 -23.53
CA GLU A 308 2.44 -17.59 -22.23
C GLU A 308 1.15 -17.46 -21.42
N HIS A 309 0.51 -16.30 -21.48
CA HIS A 309 -0.75 -16.11 -20.78
C HIS A 309 -1.79 -17.10 -21.27
N ASN A 310 -1.92 -17.27 -22.59
CA ASN A 310 -2.97 -18.18 -23.02
C ASN A 310 -2.60 -19.65 -22.80
N ARG A 311 -1.30 -19.96 -22.76
CA ARG A 311 -0.89 -21.33 -22.41
C ARG A 311 -1.25 -21.64 -20.96
N VAL A 312 -1.00 -20.69 -20.06
CA VAL A 312 -1.35 -20.87 -18.66
C VAL A 312 -2.86 -20.96 -18.51
N CYS A 313 -3.62 -20.22 -19.32
CA CYS A 313 -5.07 -20.35 -19.27
C CYS A 313 -5.52 -21.74 -19.67
N ASP A 314 -4.85 -22.35 -20.66
CA ASP A 314 -5.20 -23.72 -21.02
C ASP A 314 -4.89 -24.68 -19.88
N LEU A 315 -3.78 -24.46 -19.19
CA LEU A 315 -3.40 -25.36 -18.12
C LEU A 315 -4.34 -25.22 -16.92
N LEU A 316 -4.79 -24.00 -16.64
CA LEU A 316 -5.71 -23.80 -15.53
C LEU A 316 -7.09 -24.34 -15.85
N LYS A 317 -7.55 -24.17 -17.09
CA LYS A 317 -8.87 -24.67 -17.44
C LYS A 317 -8.91 -26.19 -17.45
N ALA A 318 -7.78 -26.83 -17.77
CA ALA A 318 -7.75 -28.28 -17.68
C ALA A 318 -7.97 -28.76 -16.25
N GLU A 319 -7.45 -28.01 -15.28
CA GLU A 319 -7.54 -28.41 -13.89
C GLU A 319 -8.76 -27.83 -13.20
N HIS A 320 -9.32 -26.74 -13.73
CA HIS A 320 -10.48 -26.07 -13.14
C HIS A 320 -11.57 -25.91 -14.19
N PRO A 321 -12.34 -26.97 -14.46
CA PRO A 321 -13.44 -26.83 -15.43
C PRO A 321 -14.52 -25.87 -14.96
N THR A 322 -14.60 -25.60 -13.66
CA THR A 322 -15.70 -24.83 -13.10
C THR A 322 -15.43 -23.33 -13.11
N TRP A 323 -14.17 -22.92 -13.26
CA TRP A 323 -13.82 -21.52 -13.17
C TRP A 323 -14.40 -20.73 -14.33
N GLY A 324 -14.81 -19.49 -14.03
CA GLY A 324 -15.28 -18.58 -15.05
C GLY A 324 -14.12 -17.91 -15.76
N ASP A 325 -14.42 -16.81 -16.44
CA ASP A 325 -13.41 -16.10 -17.21
C ASP A 325 -12.50 -15.28 -16.30
N GLU A 326 -13.07 -14.67 -15.25
CA GLU A 326 -12.27 -13.83 -14.37
C GLU A 326 -11.21 -14.61 -13.61
N GLN A 327 -11.57 -15.78 -13.05
CA GLN A 327 -10.60 -16.46 -12.20
C GLN A 327 -9.49 -17.07 -13.04
N LEU A 328 -9.86 -17.62 -14.21
CA LEU A 328 -8.86 -18.11 -15.15
C LEU A 328 -7.97 -16.99 -15.64
N PHE A 329 -8.49 -15.76 -15.67
CA PHE A 329 -7.66 -14.65 -16.12
C PHE A 329 -6.73 -14.17 -15.00
N GLN A 330 -7.30 -13.85 -13.83
CA GLN A 330 -6.54 -13.19 -12.77
C GLN A 330 -5.49 -14.13 -12.18
N THR A 331 -5.81 -15.42 -12.08
CA THR A 331 -4.79 -16.32 -11.54
C THR A 331 -3.67 -16.54 -12.55
N ALA A 332 -3.98 -16.51 -13.84
CA ALA A 332 -2.92 -16.61 -14.85
C ALA A 332 -2.07 -15.36 -14.85
N ARG A 333 -2.66 -14.19 -14.59
CA ARG A 333 -1.87 -12.99 -14.40
C ARG A 333 -0.93 -13.13 -13.22
N LEU A 334 -1.41 -13.70 -12.10
CA LEU A 334 -0.53 -13.87 -10.96
C LEU A 334 0.59 -14.87 -11.26
N ILE A 335 0.30 -15.88 -12.09
CA ILE A 335 1.35 -16.81 -12.49
C ILE A 335 2.40 -16.11 -13.34
N LEU A 336 1.98 -15.24 -14.27
CA LEU A 336 2.98 -14.54 -15.07
C LEU A 336 3.74 -13.49 -14.27
N ILE A 337 3.11 -12.91 -13.25
CA ILE A 337 3.84 -11.99 -12.37
C ILE A 337 4.91 -12.75 -11.60
N GLY A 338 4.55 -13.92 -11.07
CA GLY A 338 5.51 -14.68 -10.29
C GLY A 338 6.64 -15.18 -11.14
N GLU A 339 6.36 -15.70 -12.33
CA GLU A 339 7.46 -16.21 -13.13
C GLU A 339 8.26 -15.09 -13.76
N THR A 340 7.69 -13.89 -13.85
CA THR A 340 8.50 -12.74 -14.21
C THR A 340 9.55 -12.47 -13.13
N ILE A 341 9.13 -12.48 -11.86
CA ILE A 341 10.11 -12.20 -10.81
C ILE A 341 11.13 -13.33 -10.70
N LYS A 342 10.70 -14.58 -10.90
CA LYS A 342 11.64 -15.70 -10.90
C LYS A 342 12.70 -15.51 -11.96
N ILE A 343 12.29 -15.13 -13.17
CA ILE A 343 13.27 -15.00 -14.25
C ILE A 343 14.18 -13.80 -14.01
N VAL A 344 13.64 -12.71 -13.47
CA VAL A 344 14.49 -11.54 -13.35
C VAL A 344 15.48 -11.69 -12.20
N ILE A 345 15.17 -12.47 -11.18
CA ILE A 345 16.17 -12.66 -10.13
C ILE A 345 17.18 -13.72 -10.53
N GLU A 346 16.73 -14.87 -11.01
CA GLU A 346 17.69 -15.95 -11.19
C GLU A 346 18.39 -15.95 -12.54
N GLU A 347 17.95 -15.15 -13.51
CA GLU A 347 18.67 -15.05 -14.77
C GLU A 347 19.07 -13.64 -15.14
N TYR A 348 18.15 -12.67 -15.03
CA TYR A 348 18.44 -11.29 -15.41
C TYR A 348 19.50 -10.68 -14.49
N VAL A 349 19.22 -10.65 -13.19
CA VAL A 349 20.19 -10.11 -12.24
C VAL A 349 21.39 -11.05 -12.13
N GLN A 350 21.19 -12.35 -12.35
CA GLN A 350 22.33 -13.26 -12.34
C GLN A 350 23.32 -12.90 -13.45
N GLN A 351 22.82 -12.71 -14.68
CA GLN A 351 23.70 -12.29 -15.77
C GLN A 351 24.27 -10.91 -15.53
N LEU A 352 23.50 -10.03 -14.91
CA LEU A 352 23.98 -8.68 -14.70
C LEU A 352 25.06 -8.62 -13.62
N SER A 353 25.02 -9.53 -12.64
CA SER A 353 25.96 -9.51 -11.53
C SER A 353 27.30 -10.13 -11.90
N GLY A 354 27.27 -11.24 -12.64
CA GLY A 354 28.48 -12.00 -12.85
C GLY A 354 28.88 -12.83 -11.65
N TYR A 355 27.98 -13.01 -10.70
CA TYR A 355 28.31 -13.72 -9.47
C TYR A 355 28.48 -15.21 -9.71
N PHE A 356 29.45 -15.81 -9.04
CA PHE A 356 29.48 -17.26 -8.92
C PHE A 356 28.46 -17.75 -7.90
N LEU A 357 28.07 -16.89 -6.96
CA LEU A 357 26.92 -17.14 -6.12
C LEU A 357 25.67 -17.19 -6.97
N GLN A 358 24.99 -18.33 -6.97
CA GLN A 358 23.77 -18.49 -7.73
C GLN A 358 22.62 -17.85 -6.96
N LEU A 359 22.04 -16.78 -7.52
CA LEU A 359 20.95 -16.10 -6.84
C LEU A 359 19.68 -16.95 -6.83
N LYS A 360 18.78 -16.66 -5.90
CA LYS A 360 17.59 -17.48 -5.68
C LYS A 360 16.38 -16.61 -5.38
N PHE A 361 15.27 -16.91 -6.05
CA PHE A 361 13.99 -16.28 -5.73
C PHE A 361 13.19 -17.19 -4.81
N ASP A 362 13.22 -16.88 -3.53
CA ASP A 362 12.43 -17.56 -2.52
C ASP A 362 11.89 -16.51 -1.56
N PRO A 363 10.60 -16.19 -1.64
CA PRO A 363 10.04 -15.20 -0.72
C PRO A 363 10.09 -15.65 0.73
N GLU A 364 10.16 -16.95 0.98
CA GLU A 364 10.19 -17.47 2.35
C GLU A 364 11.45 -17.03 3.09
N LEU A 365 12.46 -16.54 2.36
CA LEU A 365 13.66 -16.04 3.00
C LEU A 365 13.38 -14.79 3.82
N LEU A 366 12.33 -14.04 3.48
CA LEU A 366 12.03 -12.80 4.19
C LEU A 366 10.92 -12.95 5.21
N PHE A 367 10.43 -14.17 5.47
CA PHE A 367 9.29 -14.31 6.36
C PHE A 367 9.63 -14.08 7.83
N GLY A 368 10.91 -14.04 8.19
CA GLY A 368 11.29 -13.75 9.55
C GLY A 368 11.50 -12.27 9.83
N ALA A 369 11.92 -11.53 8.80
CA ALA A 369 12.30 -10.14 8.96
C ALA A 369 11.08 -9.24 8.93
N GLN A 370 11.30 -7.97 9.30
CA GLN A 370 10.29 -6.94 9.09
C GLN A 370 10.55 -6.34 7.72
N PHE A 371 9.64 -6.61 6.80
CA PHE A 371 9.81 -6.24 5.40
C PHE A 371 8.44 -5.81 4.89
N GLN A 372 8.34 -4.56 4.44
CA GLN A 372 7.07 -4.04 3.95
C GLN A 372 6.86 -4.47 2.50
N TYR A 373 5.79 -5.22 2.24
CA TYR A 373 5.49 -5.71 0.90
C TYR A 373 4.77 -4.62 0.11
N ARG A 374 5.53 -3.58 -0.20
CA ARG A 374 5.06 -2.43 -0.96
C ARG A 374 6.20 -1.94 -1.83
N ASN A 375 5.86 -1.26 -2.93
CA ASN A 375 6.88 -0.59 -3.71
C ASN A 375 6.33 0.73 -4.23
N ARG A 376 7.22 1.72 -4.32
CA ARG A 376 6.91 3.02 -4.89
C ARG A 376 8.11 3.44 -5.73
N ILE A 377 7.89 3.69 -7.01
CA ILE A 377 9.01 3.94 -7.92
C ILE A 377 9.60 5.31 -7.65
N ALA A 378 10.93 5.35 -7.50
CA ALA A 378 11.61 6.61 -7.27
C ALA A 378 12.02 7.25 -8.58
N MET A 379 12.15 8.58 -8.57
CA MET A 379 12.61 9.28 -9.76
C MET A 379 14.08 9.04 -10.01
N GLU A 380 14.86 8.83 -8.94
CA GLU A 380 16.27 8.52 -9.14
C GLU A 380 16.45 7.18 -9.83
N PHE A 381 15.57 6.23 -9.54
CA PHE A 381 15.62 4.91 -10.16
C PHE A 381 15.21 4.98 -11.62
N ASN A 382 14.31 5.91 -11.93
CA ASN A 382 13.98 6.21 -13.32
C ASN A 382 15.19 6.78 -14.05
N GLN A 383 15.89 7.73 -13.42
CA GLN A 383 17.13 8.25 -13.98
C GLN A 383 18.14 7.14 -14.19
N LEU A 384 18.12 6.13 -13.32
CA LEU A 384 19.18 5.14 -13.24
C LEU A 384 19.00 4.00 -14.24
N TYR A 385 17.78 3.72 -14.69
CA TYR A 385 17.57 2.67 -15.70
C TYR A 385 17.66 3.16 -17.13
N HIS A 386 18.28 4.30 -17.40
CA HIS A 386 18.52 4.71 -18.79
C HIS A 386 19.77 3.99 -19.30
N TRP A 387 19.56 2.75 -19.75
CA TRP A 387 20.62 1.86 -20.18
C TRP A 387 20.82 1.86 -21.70
N HIS A 388 20.61 3.00 -22.34
CA HIS A 388 20.78 3.17 -23.77
C HIS A 388 22.16 2.79 -24.32
N PRO A 389 23.24 2.79 -23.52
CA PRO A 389 24.49 2.19 -24.02
C PRO A 389 24.34 0.73 -24.43
N LEU A 390 23.31 0.03 -23.95
CA LEU A 390 23.14 -1.36 -24.36
C LEU A 390 22.86 -1.48 -25.85
N MET A 391 22.29 -0.45 -26.46
CA MET A 391 21.88 -0.54 -27.85
C MET A 391 23.09 -0.49 -28.78
N PRO A 392 23.11 -1.32 -29.83
CA PRO A 392 24.31 -1.47 -30.67
C PRO A 392 24.42 -0.39 -31.73
N ASP A 393 25.40 -0.54 -32.62
CA ASP A 393 25.47 0.36 -33.77
C ASP A 393 24.45 -0.02 -34.83
N SER A 394 24.24 -1.32 -35.03
CA SER A 394 23.25 -1.83 -35.96
C SER A 394 22.65 -3.10 -35.38
N PHE A 395 21.61 -3.60 -36.02
CA PHE A 395 20.83 -4.72 -35.52
C PHE A 395 21.00 -5.89 -36.48
N ARG A 396 21.90 -6.81 -36.13
CA ARG A 396 22.22 -7.95 -36.97
C ARG A 396 21.20 -9.06 -36.78
N VAL A 397 20.49 -9.40 -37.86
CA VAL A 397 19.52 -10.49 -37.88
C VAL A 397 19.97 -11.47 -38.95
N GLY A 398 20.66 -12.54 -38.53
CA GLY A 398 21.14 -13.55 -39.44
C GLY A 398 22.16 -13.00 -40.41
N PRO A 399 21.89 -13.14 -41.70
CA PRO A 399 22.77 -12.54 -42.71
C PRO A 399 22.49 -11.05 -42.90
N GLN A 400 21.28 -10.62 -42.59
CA GLN A 400 20.92 -9.22 -42.76
C GLN A 400 21.42 -8.36 -41.59
N ASP A 401 21.66 -7.09 -41.88
CA ASP A 401 22.12 -6.11 -40.89
C ASP A 401 21.31 -4.84 -41.07
N TYR A 402 20.44 -4.56 -40.10
CA TYR A 402 19.48 -3.46 -40.21
C TYR A 402 19.97 -2.23 -39.44
N SER A 403 19.81 -1.06 -40.06
CA SER A 403 20.16 0.18 -39.38
C SER A 403 19.03 0.60 -38.44
N TYR A 404 19.26 1.71 -37.72
CA TYR A 404 18.21 2.25 -36.86
C TYR A 404 16.99 2.66 -37.66
N GLU A 405 17.19 3.28 -38.83
CA GLU A 405 16.06 3.68 -39.64
C GLU A 405 15.33 2.47 -40.20
N GLN A 406 16.04 1.35 -40.33
CA GLN A 406 15.40 0.11 -40.76
C GLN A 406 14.76 -0.65 -39.60
N PHE A 407 15.19 -0.39 -38.36
CA PHE A 407 14.72 -1.13 -37.19
C PHE A 407 13.70 -0.36 -36.36
N LEU A 408 13.98 0.91 -36.07
CA LEU A 408 13.00 1.73 -35.37
C LEU A 408 11.73 1.80 -36.19
N PHE A 409 10.59 1.71 -35.50
CA PHE A 409 9.26 1.95 -36.06
C PHE A 409 8.88 0.90 -37.10
N ASN A 410 9.67 -0.15 -37.27
CA ASN A 410 9.39 -1.14 -38.30
C ASN A 410 8.28 -2.08 -37.84
N THR A 411 7.34 -2.35 -38.74
CA THR A 411 6.10 -3.01 -38.39
C THR A 411 5.96 -4.43 -38.91
N SER A 412 6.76 -4.83 -39.88
CA SER A 412 6.64 -6.16 -40.46
C SER A 412 7.76 -7.11 -40.09
N MET A 413 8.80 -6.64 -39.40
CA MET A 413 9.96 -7.50 -39.19
C MET A 413 9.65 -8.64 -38.25
N LEU A 414 8.77 -8.40 -37.26
CA LEU A 414 8.40 -9.44 -36.32
C LEU A 414 7.66 -10.57 -37.01
N VAL A 415 6.67 -10.25 -37.83
CA VAL A 415 5.90 -11.28 -38.51
C VAL A 415 6.70 -11.92 -39.64
N ASP A 416 7.65 -11.18 -40.22
CA ASP A 416 8.46 -11.75 -41.28
C ASP A 416 9.43 -12.80 -40.76
N TYR A 417 10.23 -12.45 -39.74
CA TYR A 417 11.21 -13.43 -39.26
C TYR A 417 10.58 -14.45 -38.32
N GLY A 418 9.64 -14.03 -37.48
CA GLY A 418 9.08 -14.90 -36.47
C GLY A 418 9.79 -14.74 -35.13
N VAL A 419 9.10 -15.15 -34.06
CA VAL A 419 9.68 -14.92 -32.75
C VAL A 419 10.87 -15.84 -32.52
N GLU A 420 10.87 -17.02 -33.14
CA GLU A 420 12.00 -17.93 -33.00
C GLU A 420 13.26 -17.30 -33.55
N ALA A 421 13.14 -16.65 -34.72
CA ALA A 421 14.31 -16.11 -35.40
C ALA A 421 14.79 -14.82 -34.75
N LEU A 422 13.88 -13.99 -34.23
CA LEU A 422 14.34 -12.77 -33.58
C LEU A 422 14.90 -13.02 -32.19
N VAL A 423 14.35 -14.01 -31.47
CA VAL A 423 14.98 -14.42 -30.22
C VAL A 423 16.37 -14.99 -30.50
N ASP A 424 16.49 -15.79 -31.57
CA ASP A 424 17.78 -16.39 -31.89
C ASP A 424 18.79 -15.33 -32.28
N ALA A 425 18.34 -14.29 -32.99
CA ALA A 425 19.28 -13.27 -33.44
C ALA A 425 19.64 -12.30 -32.33
N PHE A 426 18.68 -11.98 -31.46
CA PHE A 426 18.97 -11.07 -30.37
C PHE A 426 19.81 -11.74 -29.28
N SER A 427 19.74 -13.06 -29.17
CA SER A 427 20.57 -13.75 -28.18
C SER A 427 21.99 -13.99 -28.67
N ARG A 428 22.32 -13.59 -29.90
CA ARG A 428 23.69 -13.68 -30.37
C ARG A 428 24.39 -12.34 -30.54
N GLN A 429 23.66 -11.26 -30.66
CA GLN A 429 24.37 -10.01 -30.88
C GLN A 429 24.77 -9.38 -29.54
N PRO A 430 26.02 -8.98 -29.39
CA PRO A 430 26.46 -8.38 -28.13
C PRO A 430 25.78 -7.04 -27.89
N ALA A 431 25.59 -6.73 -26.62
CA ALA A 431 25.11 -5.42 -26.20
C ALA A 431 26.27 -4.59 -25.69
N GLY A 432 26.02 -3.29 -25.54
CA GLY A 432 27.09 -2.38 -25.16
C GLY A 432 27.29 -2.31 -23.66
N ARG A 433 28.50 -1.95 -23.27
CA ARG A 433 28.80 -1.76 -21.86
C ARG A 433 28.09 -0.51 -21.36
N ILE A 434 27.48 -0.60 -20.18
CA ILE A 434 26.70 0.52 -19.67
C ILE A 434 27.61 1.60 -19.11
N GLY A 435 28.51 1.23 -18.20
CA GLY A 435 29.37 2.18 -17.55
C GLY A 435 30.58 2.52 -18.39
N GLY A 436 31.45 3.35 -17.80
CA GLY A 436 32.67 3.76 -18.46
C GLY A 436 32.55 5.02 -19.27
N GLY A 437 31.34 5.40 -19.66
CA GLY A 437 31.11 6.58 -20.46
C GLY A 437 31.41 6.36 -21.93
N ARG A 438 30.87 7.27 -22.75
CA ARG A 438 31.21 7.37 -24.17
C ARG A 438 30.78 6.10 -24.92
N ASN A 439 29.54 5.66 -24.68
CA ASN A 439 29.06 4.43 -25.32
C ASN A 439 27.59 4.51 -25.74
N ILE A 440 27.02 5.71 -25.88
CA ILE A 440 25.65 5.87 -26.34
C ILE A 440 25.66 6.22 -27.83
N ASP A 441 24.87 5.49 -28.61
CA ASP A 441 24.80 5.77 -30.03
C ASP A 441 24.13 7.11 -30.26
N HIS A 442 24.45 7.75 -31.40
CA HIS A 442 23.96 9.11 -31.65
C HIS A 442 22.48 9.13 -31.98
N HIS A 443 21.91 8.00 -32.41
CA HIS A 443 20.49 7.98 -32.72
C HIS A 443 19.65 8.22 -31.49
N ILE A 444 20.08 7.71 -30.34
CA ILE A 444 19.31 7.80 -29.11
C ILE A 444 20.01 8.65 -28.06
N LEU A 445 21.09 9.34 -28.44
CA LEU A 445 21.80 10.20 -27.50
C LEU A 445 20.91 11.32 -26.98
N HIS A 446 19.90 11.71 -27.77
CA HIS A 446 19.04 12.79 -27.32
C HIS A 446 18.29 12.41 -26.06
N VAL A 447 18.00 11.11 -25.88
CA VAL A 447 17.36 10.69 -24.65
C VAL A 447 18.25 11.04 -23.46
N ALA A 448 19.53 10.73 -23.58
CA ALA A 448 20.45 11.02 -22.48
C ALA A 448 20.55 12.52 -22.26
N VAL A 449 20.32 13.31 -23.31
CA VAL A 449 20.32 14.76 -23.12
C VAL A 449 19.13 15.15 -22.24
N ASP A 450 17.92 14.69 -22.60
CA ASP A 450 16.74 15.13 -21.90
C ASP A 450 16.75 14.67 -20.44
N VAL A 451 17.30 13.49 -20.19
CA VAL A 451 17.31 12.99 -18.82
C VAL A 451 18.28 13.81 -17.97
N ILE A 452 19.31 14.41 -18.57
CA ILE A 452 20.10 15.35 -17.81
C ILE A 452 19.30 16.62 -17.54
N LYS A 453 18.59 17.12 -18.56
CA LYS A 453 17.82 18.34 -18.37
C LYS A 453 16.68 18.09 -17.39
N GLU A 454 16.07 16.91 -17.47
CA GLU A 454 15.03 16.56 -16.51
C GLU A 454 15.60 16.47 -15.11
N SER A 455 16.84 15.99 -14.98
CA SER A 455 17.47 15.95 -13.67
C SER A 455 17.58 17.35 -13.08
N ARG A 456 17.69 18.36 -13.92
CA ARG A 456 17.75 19.73 -13.40
C ARG A 456 16.35 20.26 -13.10
N VAL A 457 15.33 19.79 -13.83
CA VAL A 457 13.96 20.20 -13.52
C VAL A 457 13.53 19.63 -12.17
N LEU A 458 13.85 18.35 -11.92
CA LEU A 458 13.49 17.68 -10.68
C LEU A 458 14.38 18.10 -9.50
N ARG A 459 15.43 18.86 -9.75
CA ARG A 459 16.31 19.36 -8.70
C ARG A 459 16.92 18.22 -7.88
N LEU A 460 17.49 17.23 -8.58
CA LEU A 460 18.22 16.17 -7.92
C LEU A 460 19.49 16.70 -7.26
N GLN A 461 19.83 16.12 -6.10
CA GLN A 461 21.01 16.51 -5.37
C GLN A 461 22.26 16.02 -6.09
N PRO A 462 23.44 16.51 -5.70
CA PRO A 462 24.69 16.06 -6.34
C PRO A 462 24.93 14.57 -6.19
N PHE A 463 25.79 14.07 -7.07
CA PHE A 463 26.10 12.65 -7.13
C PHE A 463 26.73 12.14 -5.84
N ASN A 464 27.56 12.96 -5.20
CA ASN A 464 28.18 12.54 -3.95
C ASN A 464 27.16 12.40 -2.84
N GLU A 465 26.09 13.19 -2.86
CA GLU A 465 25.08 13.07 -1.82
C GLU A 465 24.29 11.78 -1.96
N TYR A 466 24.12 11.29 -3.19
CA TYR A 466 23.51 9.98 -3.36
C TYR A 466 24.50 8.86 -3.05
N ARG A 467 25.79 9.11 -3.21
CA ARG A 467 26.76 8.12 -2.74
C ARG A 467 26.72 8.00 -1.23
N LYS A 468 26.62 9.13 -0.52
CA LYS A 468 26.52 9.08 0.93
C LYS A 468 25.19 8.49 1.38
N ARG A 469 24.13 8.70 0.60
CA ARG A 469 22.84 8.13 0.99
C ARG A 469 22.82 6.62 0.82
N PHE A 470 23.52 6.09 -0.19
CA PHE A 470 23.54 4.65 -0.43
C PHE A 470 24.79 3.97 0.12
N GLY A 471 25.36 4.51 1.20
CA GLY A 471 26.39 3.80 1.94
C GLY A 471 27.76 3.78 1.31
N MET A 472 28.15 4.87 0.64
CA MET A 472 29.44 4.95 -0.02
C MET A 472 30.12 6.25 0.35
N LYS A 473 31.43 6.26 0.24
CA LYS A 473 32.15 7.50 0.48
C LYS A 473 32.09 8.37 -0.78
N PRO A 474 31.94 9.68 -0.63
CA PRO A 474 31.95 10.56 -1.80
C PRO A 474 33.33 10.61 -2.44
N TYR A 475 33.35 10.90 -3.73
CA TYR A 475 34.62 11.07 -4.44
C TYR A 475 35.27 12.39 -4.08
N THR A 476 36.59 12.37 -3.96
CA THR A 476 37.35 13.57 -3.64
C THR A 476 37.80 14.33 -4.89
N SER A 477 37.76 13.68 -6.05
CA SER A 477 38.23 14.28 -7.29
C SER A 477 37.53 13.61 -8.46
N PHE A 478 37.62 14.26 -9.63
CA PHE A 478 37.09 13.67 -10.86
C PHE A 478 37.92 12.50 -11.34
N GLN A 479 39.23 12.52 -11.07
CA GLN A 479 40.07 11.42 -11.52
C GLN A 479 39.93 10.19 -10.63
N GLU A 480 39.50 10.38 -9.38
CA GLU A 480 39.08 9.23 -8.58
C GLU A 480 37.75 8.67 -9.10
N LEU A 481 36.90 9.52 -9.65
CA LEU A 481 35.67 9.06 -10.29
C LEU A 481 35.97 8.21 -11.51
N THR A 482 36.72 8.75 -12.47
CA THR A 482 36.89 8.09 -13.75
C THR A 482 38.05 7.10 -13.79
N GLY A 483 39.04 7.25 -12.91
CA GLY A 483 40.23 6.44 -13.03
C GLY A 483 40.96 6.76 -14.32
N GLU A 484 41.04 8.04 -14.67
CA GLU A 484 41.29 8.46 -16.03
C GLU A 484 41.76 9.91 -15.99
N LYS A 485 42.50 10.32 -17.02
CA LYS A 485 43.17 11.61 -17.00
C LYS A 485 42.47 12.68 -17.81
N GLU A 486 42.01 12.39 -19.03
CA GLU A 486 41.54 13.43 -19.94
C GLU A 486 40.14 13.90 -19.57
N MET A 487 39.19 12.95 -19.51
CA MET A 487 37.80 13.30 -19.25
C MET A 487 37.66 13.95 -17.88
N ALA A 488 38.44 13.49 -16.90
CA ALA A 488 38.31 14.01 -15.55
C ALA A 488 38.73 15.48 -15.49
N ALA A 489 39.79 15.84 -16.20
CA ALA A 489 40.24 17.23 -16.17
C ALA A 489 39.28 18.12 -16.94
N GLU A 490 38.71 17.63 -18.05
CA GLU A 490 37.74 18.46 -18.75
C GLU A 490 36.46 18.62 -17.92
N LEU A 491 36.08 17.59 -17.16
CA LEU A 491 34.96 17.75 -16.23
C LEU A 491 35.28 18.72 -15.11
N GLU A 492 36.55 18.76 -14.65
CA GLU A 492 36.89 19.73 -13.63
C GLU A 492 36.82 21.15 -14.19
N GLU A 493 37.05 21.32 -15.50
CA GLU A 493 36.81 22.64 -16.07
C GLU A 493 35.31 22.93 -16.17
N LEU A 494 34.48 21.92 -16.45
CA LEU A 494 33.06 22.20 -16.67
C LEU A 494 32.30 22.43 -15.37
N TYR A 495 32.46 21.54 -14.37
CA TYR A 495 31.71 21.63 -13.13
C TYR A 495 32.38 22.47 -12.05
N GLY A 496 33.70 22.46 -11.99
CA GLY A 496 34.43 23.25 -11.02
C GLY A 496 34.66 22.58 -9.68
N ASP A 497 33.84 21.59 -9.33
CA ASP A 497 33.98 20.88 -8.07
C ASP A 497 33.36 19.49 -8.22
N ILE A 498 33.97 18.51 -7.54
CA ILE A 498 33.41 17.15 -7.55
C ILE A 498 32.06 17.11 -6.85
N ASP A 499 31.84 17.98 -5.86
CA ASP A 499 30.58 17.99 -5.12
C ASP A 499 29.44 18.63 -5.89
N ALA A 500 29.67 19.02 -7.15
CA ALA A 500 28.61 19.56 -8.00
C ALA A 500 28.27 18.62 -9.15
N LEU A 501 28.87 17.44 -9.20
CA LEU A 501 28.58 16.49 -10.27
C LEU A 501 27.14 15.99 -10.18
N GLU A 502 26.48 15.92 -11.32
CA GLU A 502 25.09 15.52 -11.39
C GLU A 502 24.94 14.00 -11.34
N PHE A 503 23.70 13.56 -11.12
CA PHE A 503 23.45 12.16 -10.79
C PHE A 503 23.72 11.24 -11.97
N TYR A 504 23.04 11.46 -13.09
CA TYR A 504 23.14 10.56 -14.24
C TYR A 504 24.53 10.58 -14.89
N PRO A 505 25.13 11.76 -15.12
CA PRO A 505 26.52 11.74 -15.62
C PRO A 505 27.48 11.08 -14.65
N GLY A 506 27.23 11.18 -13.35
CA GLY A 506 28.10 10.51 -12.40
C GLY A 506 27.95 9.00 -12.46
N LEU A 507 26.74 8.51 -12.73
CA LEU A 507 26.56 7.06 -12.86
C LEU A 507 27.21 6.54 -14.13
N LEU A 508 27.15 7.31 -15.22
CA LEU A 508 27.64 6.77 -16.48
C LEU A 508 29.12 7.01 -16.73
N LEU A 509 29.69 8.08 -16.18
CA LEU A 509 31.10 8.35 -16.36
C LEU A 509 31.97 7.73 -15.27
N GLU A 510 31.38 6.97 -14.35
CA GLU A 510 32.16 6.33 -13.31
C GLU A 510 33.01 5.21 -13.89
N LYS A 511 34.15 4.97 -13.27
CA LYS A 511 34.95 3.81 -13.62
C LYS A 511 34.18 2.53 -13.31
N CYS A 512 34.32 1.54 -14.18
CA CYS A 512 33.69 0.25 -13.96
C CYS A 512 34.55 -0.62 -13.05
N HIS A 513 33.90 -1.55 -12.37
CA HIS A 513 34.65 -2.65 -11.77
C HIS A 513 35.29 -3.46 -12.90
N PRO A 514 36.42 -4.12 -12.64
CA PRO A 514 37.16 -4.76 -13.74
C PRO A 514 36.32 -5.84 -14.41
N ASN A 515 36.20 -5.73 -15.74
CA ASN A 515 35.49 -6.71 -16.55
C ASN A 515 34.03 -6.85 -16.11
N SER A 516 33.33 -5.71 -16.03
CA SER A 516 31.96 -5.70 -15.57
C SER A 516 31.15 -4.70 -16.38
N ILE A 517 29.82 -4.81 -16.26
CA ILE A 517 28.90 -4.06 -17.10
C ILE A 517 28.87 -2.58 -16.71
N PHE A 518 28.99 -2.28 -15.41
CA PHE A 518 29.02 -0.89 -14.94
C PHE A 518 29.78 -0.84 -13.62
N GLY A 519 29.68 0.30 -12.93
CA GLY A 519 30.56 0.63 -11.83
C GLY A 519 29.88 0.61 -10.47
N GLU A 520 30.62 1.14 -9.49
CA GLU A 520 30.26 0.98 -8.08
C GLU A 520 28.90 1.60 -7.75
N SER A 521 28.66 2.82 -8.22
CA SER A 521 27.47 3.54 -7.79
C SER A 521 26.22 2.97 -8.41
N MET A 522 26.35 2.39 -9.62
CA MET A 522 25.21 1.73 -10.22
C MET A 522 24.87 0.45 -9.48
N ILE A 523 25.89 -0.21 -8.90
CA ILE A 523 25.65 -1.36 -8.03
C ILE A 523 24.86 -0.93 -6.81
N GLU A 524 25.46 -0.03 -6.01
CA GLU A 524 24.97 0.25 -4.67
C GLU A 524 23.70 1.09 -4.67
N MET A 525 23.36 1.69 -5.81
CA MET A 525 22.09 2.41 -5.94
C MET A 525 21.04 1.58 -6.66
N GLY A 526 21.44 0.85 -7.70
CA GLY A 526 20.49 0.09 -8.49
C GLY A 526 19.98 -1.18 -7.82
N ALA A 527 20.82 -1.86 -7.05
CA ALA A 527 20.36 -3.09 -6.43
C ALA A 527 19.29 -2.87 -5.36
N PRO A 528 19.39 -1.84 -4.50
CA PRO A 528 18.32 -1.64 -3.51
C PRO A 528 16.95 -1.37 -4.13
N PHE A 529 16.88 -0.48 -5.13
CA PHE A 529 15.59 -0.24 -5.77
C PHE A 529 15.08 -1.50 -6.44
N SER A 530 15.98 -2.24 -7.08
CA SER A 530 15.54 -3.31 -7.95
C SER A 530 15.06 -4.51 -7.13
N LEU A 531 15.78 -4.84 -6.04
CA LEU A 531 15.35 -5.96 -5.22
C LEU A 531 14.18 -5.59 -4.34
N LYS A 532 14.12 -4.35 -3.84
CA LYS A 532 12.93 -3.92 -3.13
C LYS A 532 11.71 -3.94 -4.05
N GLY A 533 11.92 -3.65 -5.33
CA GLY A 533 10.83 -3.73 -6.29
C GLY A 533 10.43 -5.15 -6.64
N LEU A 534 11.35 -6.10 -6.49
CA LEU A 534 11.00 -7.48 -6.83
C LEU A 534 10.33 -8.22 -5.68
N LEU A 535 10.81 -8.07 -4.44
CA LEU A 535 10.16 -8.80 -3.36
C LEU A 535 9.18 -7.95 -2.57
N GLY A 536 9.05 -6.67 -2.89
CA GLY A 536 7.95 -5.93 -2.31
C GLY A 536 6.63 -6.16 -3.00
N ASN A 537 6.63 -6.94 -4.07
CA ASN A 537 5.40 -7.38 -4.70
C ASN A 537 4.59 -8.21 -3.73
N PRO A 538 3.28 -7.95 -3.58
CA PRO A 538 2.50 -8.69 -2.59
C PRO A 538 2.40 -10.19 -2.85
N ILE A 539 2.73 -10.69 -4.04
CA ILE A 539 2.73 -12.13 -4.21
C ILE A 539 3.85 -12.78 -3.40
N CYS A 540 4.85 -11.99 -2.99
CA CYS A 540 5.92 -12.47 -2.14
C CYS A 540 5.56 -12.46 -0.66
N SER A 541 4.42 -11.90 -0.29
CA SER A 541 4.03 -11.83 1.11
C SER A 541 3.60 -13.22 1.60
N PRO A 542 3.62 -13.43 2.93
CA PRO A 542 3.10 -14.70 3.44
C PRO A 542 1.63 -14.91 3.14
N GLU A 543 0.86 -13.84 2.96
CA GLU A 543 -0.56 -14.01 2.70
C GLU A 543 -0.82 -14.54 1.29
N TYR A 544 0.00 -14.16 0.31
CA TYR A 544 -0.23 -14.59 -1.06
C TYR A 544 0.64 -15.77 -1.48
N TRP A 545 1.84 -15.92 -0.93
CA TRP A 545 2.82 -16.89 -1.44
C TRP A 545 2.42 -18.29 -0.98
N LYS A 546 1.42 -18.85 -1.65
CA LYS A 546 0.94 -20.19 -1.39
C LYS A 546 0.31 -20.72 -2.67
N ALA A 547 0.00 -22.02 -2.69
CA ALA A 547 -0.40 -22.64 -3.94
C ALA A 547 -1.83 -22.29 -4.35
N SER A 548 -2.70 -22.01 -3.38
CA SER A 548 -4.09 -21.71 -3.74
C SER A 548 -4.19 -20.39 -4.50
N THR A 549 -3.23 -19.49 -4.29
CA THR A 549 -3.21 -18.24 -5.04
C THR A 549 -3.01 -18.49 -6.52
N PHE A 550 -2.25 -19.54 -6.87
CA PHE A 550 -1.89 -19.82 -8.24
C PHE A 550 -2.70 -20.97 -8.83
N GLY A 551 -3.84 -21.30 -8.21
CA GLY A 551 -4.71 -22.32 -8.75
C GLY A 551 -4.24 -23.75 -8.53
N GLY A 552 -3.48 -23.99 -7.48
CA GLY A 552 -2.97 -25.31 -7.19
C GLY A 552 -1.48 -25.41 -7.44
N GLU A 553 -0.97 -26.65 -7.34
CA GLU A 553 0.46 -26.87 -7.46
C GLU A 553 0.97 -26.69 -8.88
N VAL A 554 0.08 -26.72 -9.88
CA VAL A 554 0.52 -26.61 -11.27
C VAL A 554 1.05 -25.22 -11.55
N GLY A 555 0.26 -24.19 -11.25
CA GLY A 555 0.71 -22.84 -11.50
C GLY A 555 1.78 -22.39 -10.52
N PHE A 556 1.76 -22.96 -9.32
CA PHE A 556 2.76 -22.58 -8.33
C PHE A 556 4.11 -23.16 -8.68
N ASN A 557 4.13 -24.35 -9.30
CA ASN A 557 5.37 -24.86 -9.89
C ASN A 557 5.69 -24.19 -11.21
N LEU A 558 4.70 -23.59 -11.88
CA LEU A 558 5.05 -22.74 -13.02
C LEU A 558 5.81 -21.51 -12.56
N VAL A 559 5.49 -20.97 -11.39
CA VAL A 559 6.30 -19.88 -10.87
C VAL A 559 7.66 -20.38 -10.43
N LYS A 560 7.69 -21.52 -9.74
CA LYS A 560 8.96 -21.95 -9.15
C LYS A 560 9.93 -22.56 -10.15
N THR A 561 9.52 -22.82 -11.39
CA THR A 561 10.36 -23.53 -12.35
C THR A 561 10.66 -22.70 -13.59
N ALA A 562 10.30 -21.43 -13.61
CA ALA A 562 10.35 -20.64 -14.82
C ALA A 562 11.78 -20.20 -15.14
N THR A 563 12.20 -20.50 -16.37
CA THR A 563 13.39 -19.95 -17.00
C THR A 563 12.95 -19.14 -18.20
N LEU A 564 13.87 -18.41 -18.84
CA LEU A 564 13.48 -17.74 -20.07
C LEU A 564 13.50 -18.69 -21.26
N LYS A 565 14.25 -19.79 -21.14
CA LYS A 565 14.18 -20.83 -22.15
C LYS A 565 12.80 -21.46 -22.17
N LYS A 566 12.19 -21.66 -20.99
CA LYS A 566 10.83 -22.15 -20.96
C LYS A 566 9.84 -21.08 -21.38
N LEU A 567 10.18 -19.81 -21.17
CA LEU A 567 9.30 -18.72 -21.59
C LEU A 567 9.24 -18.62 -23.10
N VAL A 568 10.33 -18.98 -23.78
CA VAL A 568 10.36 -18.91 -25.24
C VAL A 568 9.92 -20.25 -25.85
N CYS A 569 10.63 -21.33 -25.54
CA CYS A 569 10.52 -22.56 -26.33
C CYS A 569 9.25 -23.34 -26.08
N LEU A 570 8.53 -23.06 -24.99
CA LEU A 570 7.22 -23.68 -24.79
C LEU A 570 6.14 -22.97 -25.58
N ASN A 571 6.42 -21.76 -26.06
CA ASN A 571 5.48 -20.97 -26.85
C ASN A 571 5.89 -20.86 -28.30
N THR A 572 6.81 -21.70 -28.75
CA THR A 572 7.27 -21.71 -30.13
C THR A 572 7.16 -23.12 -30.71
N LYS A 573 7.42 -23.21 -32.02
CA LYS A 573 7.48 -24.50 -32.70
C LYS A 573 8.88 -25.09 -32.64
N THR A 574 9.89 -24.24 -32.78
CA THR A 574 11.28 -24.63 -32.66
C THR A 574 11.89 -23.92 -31.47
N CYS A 575 12.95 -24.50 -30.91
CA CYS A 575 13.61 -23.91 -29.76
C CYS A 575 14.93 -23.32 -30.22
N PRO A 576 15.04 -21.99 -30.33
CA PRO A 576 16.27 -21.35 -30.78
C PRO A 576 17.24 -21.18 -29.61
N TYR A 577 18.35 -20.52 -29.90
CA TYR A 577 19.24 -20.10 -28.82
C TYR A 577 18.61 -18.92 -28.11
N VAL A 578 18.27 -19.12 -26.83
CA VAL A 578 17.68 -18.07 -26.02
C VAL A 578 18.47 -17.97 -24.73
N SER A 579 18.97 -16.77 -24.45
CA SER A 579 19.84 -16.55 -23.31
C SER A 579 19.92 -15.06 -23.05
N PHE A 580 20.48 -14.71 -21.89
CA PHE A 580 20.88 -13.35 -21.58
C PHE A 580 22.35 -13.08 -21.88
N HIS A 581 23.10 -14.10 -22.33
CA HIS A 581 24.49 -13.92 -22.72
C HIS A 581 24.74 -14.54 -24.08
N VAL A 582 25.75 -14.01 -24.78
CA VAL A 582 26.17 -14.52 -26.08
C VAL A 582 26.74 -15.93 -25.91
N PRO A 583 26.72 -16.76 -26.93
CA PRO A 583 27.39 -18.07 -26.84
C PRO A 583 28.90 -17.92 -26.88
N ASP A 584 29.58 -18.68 -26.02
CA ASP A 584 31.05 -18.63 -25.77
C ASP A 584 31.85 -17.57 -26.55
N PRO B 32 -24.18 -31.24 -9.89
CA PRO B 32 -23.62 -31.61 -8.58
C PRO B 32 -23.57 -30.42 -7.63
N VAL B 33 -23.40 -30.68 -6.34
CA VAL B 33 -23.33 -29.64 -5.32
C VAL B 33 -21.90 -29.13 -5.23
N ASN B 34 -21.76 -27.81 -5.14
CA ASN B 34 -20.45 -27.22 -4.90
C ASN B 34 -19.93 -27.62 -3.53
N PRO B 35 -18.80 -28.34 -3.44
CA PRO B 35 -18.31 -28.74 -2.11
C PRO B 35 -17.86 -27.57 -1.25
N CYS B 36 -17.46 -26.45 -1.85
CA CYS B 36 -17.11 -25.29 -1.02
C CYS B 36 -18.32 -24.71 -0.31
N CYS B 37 -19.54 -25.11 -0.70
CA CYS B 37 -20.72 -24.70 0.05
C CYS B 37 -20.75 -25.34 1.44
N TYR B 38 -20.11 -26.50 1.61
CA TYR B 38 -20.07 -27.15 2.91
C TYR B 38 -19.06 -26.54 3.85
N TYR B 39 -18.26 -25.58 3.37
CA TYR B 39 -17.17 -24.98 4.12
C TYR B 39 -16.28 -26.05 4.80
N PRO B 40 -15.62 -26.88 3.99
CA PRO B 40 -14.88 -28.00 4.56
C PRO B 40 -13.57 -27.55 5.18
N CYS B 41 -12.98 -26.48 4.67
CA CYS B 41 -11.63 -26.09 5.06
C CYS B 41 -11.68 -25.34 6.39
N GLN B 42 -10.98 -25.87 7.39
CA GLN B 42 -11.00 -25.32 8.73
C GLN B 42 -9.72 -24.51 8.99
N HIS B 43 -9.85 -23.54 9.90
CA HIS B 43 -8.70 -22.77 10.38
C HIS B 43 -7.97 -22.07 9.25
N GLN B 44 -8.70 -21.17 8.58
CA GLN B 44 -8.22 -20.32 7.50
C GLN B 44 -7.73 -21.11 6.29
N GLY B 45 -8.20 -22.35 6.13
CA GLY B 45 -7.87 -23.09 4.92
C GLY B 45 -8.62 -22.55 3.73
N ILE B 46 -8.08 -22.81 2.54
CA ILE B 46 -8.59 -22.23 1.30
C ILE B 46 -9.24 -23.35 0.49
N CYS B 47 -10.55 -23.25 0.29
CA CYS B 47 -11.28 -24.22 -0.53
C CYS B 47 -11.07 -23.88 -1.99
N VAL B 48 -10.49 -24.81 -2.74
CA VAL B 48 -10.27 -24.64 -4.17
C VAL B 48 -10.92 -25.82 -4.90
N ARG B 49 -11.85 -25.51 -5.81
CA ARG B 49 -12.50 -26.55 -6.58
C ARG B 49 -11.53 -27.15 -7.59
N PHE B 50 -11.40 -28.48 -7.58
CA PHE B 50 -10.80 -29.20 -8.68
C PHE B 50 -11.85 -30.03 -9.42
N GLY B 51 -11.58 -30.27 -10.71
CA GLY B 51 -12.40 -31.09 -11.55
C GLY B 51 -13.80 -30.55 -11.68
N LEU B 52 -14.76 -31.47 -11.80
CA LEU B 52 -16.16 -31.12 -11.88
C LEU B 52 -16.81 -31.04 -10.50
N ASP B 53 -16.41 -31.92 -9.58
CA ASP B 53 -17.11 -32.05 -8.32
C ASP B 53 -16.21 -32.10 -7.08
N ARG B 54 -14.89 -32.03 -7.22
CA ARG B 54 -14.06 -32.23 -6.05
C ARG B 54 -13.40 -30.93 -5.63
N TYR B 55 -12.64 -30.99 -4.54
CA TYR B 55 -12.05 -29.80 -3.95
C TYR B 55 -10.77 -30.20 -3.23
N GLN B 56 -9.96 -29.19 -2.92
CA GLN B 56 -8.79 -29.34 -2.07
C GLN B 56 -8.66 -28.13 -1.16
N CYS B 57 -8.24 -28.38 0.07
CA CYS B 57 -7.96 -27.31 1.01
C CYS B 57 -6.48 -26.98 0.96
N ASP B 58 -6.16 -25.69 1.04
CA ASP B 58 -4.78 -25.24 1.09
C ASP B 58 -4.47 -24.88 2.54
N CYS B 59 -3.70 -25.75 3.20
CA CYS B 59 -3.42 -25.65 4.62
C CYS B 59 -2.13 -24.87 4.90
N THR B 60 -1.67 -24.08 3.94
CA THR B 60 -0.35 -23.47 4.03
C THR B 60 -0.32 -22.44 5.15
N ARG B 61 0.58 -22.62 6.11
CA ARG B 61 0.78 -21.72 7.23
C ARG B 61 -0.50 -21.50 8.04
N THR B 62 -1.43 -22.44 7.95
CA THR B 62 -2.60 -22.45 8.81
C THR B 62 -2.30 -23.01 10.19
N GLY B 63 -1.15 -23.67 10.34
CA GLY B 63 -0.83 -24.37 11.57
C GLY B 63 -1.35 -25.79 11.62
N TYR B 64 -2.22 -26.19 10.68
CA TYR B 64 -2.75 -27.54 10.62
C TYR B 64 -2.36 -28.17 9.29
N SER B 65 -2.67 -29.46 9.16
CA SER B 65 -2.52 -30.19 7.92
C SER B 65 -3.73 -31.12 7.77
N GLY B 66 -3.72 -31.95 6.74
CA GLY B 66 -4.80 -32.87 6.49
C GLY B 66 -5.72 -32.42 5.37
N PRO B 67 -6.75 -33.22 5.08
CA PRO B 67 -7.67 -32.84 4.00
C PRO B 67 -8.52 -31.63 4.33
N ASN B 68 -9.04 -31.54 5.56
CA ASN B 68 -9.87 -30.43 5.99
C ASN B 68 -9.07 -29.32 6.68
N CYS B 69 -7.74 -29.46 6.76
CA CYS B 69 -6.89 -28.64 7.61
C CYS B 69 -7.32 -28.73 9.08
N THR B 70 -7.42 -29.97 9.57
CA THR B 70 -7.79 -30.20 10.97
C THR B 70 -6.77 -30.98 11.77
N ILE B 71 -5.74 -31.52 11.14
CA ILE B 71 -4.69 -32.24 11.86
C ILE B 71 -3.68 -31.23 12.39
N PRO B 72 -3.63 -30.99 13.69
CA PRO B 72 -2.81 -29.90 14.22
C PRO B 72 -1.34 -30.27 14.27
N GLU B 73 -0.50 -29.24 14.08
CA GLU B 73 0.93 -29.41 14.29
C GLU B 73 1.23 -29.40 15.78
N ILE B 74 2.50 -29.66 16.11
CA ILE B 74 2.87 -29.86 17.51
C ILE B 74 2.76 -28.55 18.30
N TRP B 75 3.25 -27.46 17.73
CA TRP B 75 3.20 -26.18 18.43
C TRP B 75 1.78 -25.66 18.48
N THR B 76 0.98 -25.94 17.45
CA THR B 76 -0.38 -25.45 17.43
C THR B 76 -1.24 -26.22 18.41
N TRP B 77 -0.97 -27.52 18.56
CA TRP B 77 -1.68 -28.29 19.57
C TRP B 77 -1.34 -27.80 20.96
N LEU B 78 -0.05 -27.50 21.21
CA LEU B 78 0.33 -27.01 22.53
C LEU B 78 -0.32 -25.65 22.83
N ARG B 79 -0.34 -24.76 21.84
CA ARG B 79 -0.93 -23.45 22.06
C ARG B 79 -2.45 -23.50 22.05
N THR B 80 -3.05 -24.55 21.51
CA THR B 80 -4.50 -24.71 21.56
C THR B 80 -4.95 -25.23 22.93
N THR B 81 -4.25 -26.21 23.47
CA THR B 81 -4.64 -26.71 24.79
C THR B 81 -4.29 -25.70 25.89
N LEU B 82 -3.26 -24.88 25.69
CA LEU B 82 -2.93 -23.86 26.69
C LEU B 82 -3.64 -22.52 26.44
N ARG B 83 -4.67 -22.49 25.60
CA ARG B 83 -5.34 -21.24 25.26
C ARG B 83 -6.56 -21.02 26.14
N PRO B 84 -6.58 -20.01 27.00
CA PRO B 84 -7.78 -19.73 27.79
C PRO B 84 -8.87 -19.08 26.94
N SER B 85 -10.10 -19.23 27.40
CA SER B 85 -11.25 -18.76 26.63
C SER B 85 -11.30 -17.23 26.64
N PRO B 86 -11.89 -16.62 25.60
CA PRO B 86 -11.97 -15.15 25.56
C PRO B 86 -12.78 -14.56 26.71
N SER B 87 -13.77 -15.29 27.22
CA SER B 87 -14.55 -14.79 28.35
C SER B 87 -13.71 -14.78 29.62
N PHE B 88 -12.78 -15.73 29.74
CA PHE B 88 -11.90 -15.77 30.90
C PHE B 88 -10.88 -14.64 30.83
N ILE B 89 -10.35 -14.36 29.63
CA ILE B 89 -9.47 -13.22 29.47
C ILE B 89 -10.20 -11.93 29.78
N HIS B 90 -11.47 -11.82 29.37
CA HIS B 90 -12.23 -10.63 29.71
C HIS B 90 -12.41 -10.52 31.22
N PHE B 91 -12.54 -11.66 31.89
CA PHE B 91 -12.64 -11.65 33.34
C PHE B 91 -11.36 -11.14 33.97
N LEU B 92 -10.20 -11.60 33.49
CA LEU B 92 -8.94 -11.14 34.08
C LEU B 92 -8.69 -9.68 33.80
N LEU B 93 -9.07 -9.19 32.61
CA LEU B 93 -8.80 -7.81 32.27
C LEU B 93 -9.78 -6.84 32.91
N THR B 94 -10.97 -7.29 33.31
CA THR B 94 -11.96 -6.41 33.91
C THR B 94 -12.07 -6.55 35.42
N HIS B 95 -11.30 -7.46 36.04
CA HIS B 95 -11.27 -7.62 37.49
C HIS B 95 -9.82 -7.55 37.97
N GLY B 96 -9.63 -7.63 39.29
CA GLY B 96 -8.29 -7.70 39.85
C GLY B 96 -7.56 -6.36 39.84
N ARG B 97 -8.21 -5.35 40.41
CA ARG B 97 -7.69 -3.99 40.32
C ARG B 97 -6.34 -3.84 41.00
N TRP B 98 -6.12 -4.58 42.08
CA TRP B 98 -4.83 -4.51 42.78
C TRP B 98 -3.70 -5.03 41.90
N LEU B 99 -3.97 -6.05 41.09
CA LEU B 99 -2.96 -6.59 40.19
C LEU B 99 -2.65 -5.61 39.05
N TRP B 100 -3.69 -5.02 38.46
CA TRP B 100 -3.46 -4.15 37.32
C TRP B 100 -2.88 -2.80 37.74
N ASP B 101 -3.05 -2.40 39.00
CA ASP B 101 -2.34 -1.21 39.45
C ASP B 101 -0.83 -1.46 39.49
N PHE B 102 -0.42 -2.70 39.74
CA PHE B 102 0.99 -3.04 39.64
C PHE B 102 1.43 -3.20 38.18
N VAL B 103 0.59 -3.80 37.36
CA VAL B 103 0.97 -4.03 35.96
C VAL B 103 1.12 -2.71 35.21
N ASN B 104 0.22 -1.75 35.48
CA ASN B 104 0.28 -0.48 34.76
C ASN B 104 1.50 0.35 35.11
N ALA B 105 2.08 0.13 36.29
CA ALA B 105 3.23 0.90 36.76
C ALA B 105 4.56 0.28 36.33
N THR B 106 4.53 -0.84 35.62
CA THR B 106 5.76 -1.52 35.22
C THR B 106 5.79 -1.77 33.72
N PHE B 107 6.82 -2.49 33.26
CA PHE B 107 6.94 -2.80 31.85
C PHE B 107 5.93 -3.83 31.38
N ILE B 108 5.24 -4.49 32.29
CA ILE B 108 4.28 -5.52 31.88
C ILE B 108 3.15 -4.88 31.08
N ARG B 109 2.85 -3.61 31.34
CA ARG B 109 1.90 -2.87 30.52
C ARG B 109 2.33 -2.84 29.05
N ASP B 110 3.61 -2.58 28.81
CA ASP B 110 4.10 -2.55 27.44
C ASP B 110 4.11 -3.93 26.82
N THR B 111 4.39 -4.96 27.63
CA THR B 111 4.45 -6.32 27.10
C THR B 111 3.07 -6.79 26.68
N LEU B 112 2.07 -6.57 27.53
CA LEU B 112 0.72 -6.98 27.20
C LEU B 112 0.16 -6.14 26.06
N MET B 113 0.51 -4.85 25.98
CA MET B 113 0.03 -4.05 24.87
C MET B 113 0.59 -4.57 23.55
N ARG B 114 1.89 -4.91 23.53
CA ARG B 114 2.47 -5.51 22.34
C ARG B 114 1.78 -6.82 22.01
N LEU B 115 1.38 -7.57 23.03
CA LEU B 115 0.71 -8.85 22.80
C LEU B 115 -0.67 -8.64 22.18
N VAL B 116 -1.42 -7.67 22.69
CA VAL B 116 -2.74 -7.37 22.14
C VAL B 116 -2.63 -6.98 20.67
N LEU B 117 -1.66 -6.11 20.37
CA LEU B 117 -1.52 -5.61 19.01
C LEU B 117 -1.12 -6.72 18.05
N THR B 118 -0.09 -7.49 18.40
CA THR B 118 0.42 -8.48 17.46
C THR B 118 -0.57 -9.62 17.29
N VAL B 119 -1.15 -10.10 18.40
CA VAL B 119 -2.03 -11.26 18.32
C VAL B 119 -3.32 -10.89 17.61
N ARG B 120 -3.84 -9.68 17.84
CA ARG B 120 -5.10 -9.37 17.19
C ARG B 120 -4.90 -8.99 15.73
N SER B 121 -3.88 -8.20 15.41
CA SER B 121 -3.71 -7.80 14.03
C SER B 121 -3.18 -8.92 13.14
N ASN B 122 -2.53 -9.94 13.73
CA ASN B 122 -2.13 -11.11 12.95
C ASN B 122 -3.32 -11.80 12.30
N LEU B 123 -4.52 -11.57 12.84
CA LEU B 123 -5.71 -12.27 12.40
C LEU B 123 -6.36 -11.64 11.17
N ILE B 124 -5.89 -10.47 10.78
CA ILE B 124 -6.40 -9.76 9.60
C ILE B 124 -5.40 -9.92 8.46
N PRO B 125 -5.85 -10.30 7.25
CA PRO B 125 -4.91 -10.51 6.15
C PRO B 125 -4.35 -9.20 5.63
N SER B 126 -3.02 -9.09 5.62
CA SER B 126 -2.34 -7.95 5.02
C SER B 126 -1.14 -8.44 4.22
N PRO B 127 -1.13 -8.29 2.90
CA PRO B 127 -2.09 -7.64 1.97
C PRO B 127 -3.49 -8.26 1.96
N PRO B 128 -4.50 -7.46 1.64
CA PRO B 128 -5.89 -7.95 1.68
C PRO B 128 -6.15 -8.99 0.59
N THR B 129 -7.17 -9.82 0.82
CA THR B 129 -7.37 -11.02 0.00
C THR B 129 -8.47 -10.88 -1.04
N TYR B 130 -9.72 -10.69 -0.62
CA TYR B 130 -10.85 -10.85 -1.53
C TYR B 130 -11.64 -9.56 -1.63
N ASN B 131 -12.71 -9.59 -2.44
CA ASN B 131 -13.66 -8.48 -2.51
C ASN B 131 -14.99 -9.03 -3.01
N ILE B 132 -15.93 -8.13 -3.30
CA ILE B 132 -17.24 -8.56 -3.77
C ILE B 132 -17.14 -9.23 -5.14
N ALA B 133 -16.13 -8.87 -5.92
CA ALA B 133 -15.97 -9.43 -7.26
C ALA B 133 -15.27 -10.78 -7.25
N HIS B 134 -14.18 -10.90 -6.47
CA HIS B 134 -13.30 -12.06 -6.55
C HIS B 134 -13.31 -12.79 -5.21
N ASP B 135 -13.71 -14.07 -5.24
CA ASP B 135 -13.61 -14.95 -4.08
C ASP B 135 -12.29 -15.71 -4.06
N TYR B 136 -11.25 -15.09 -4.59
CA TYR B 136 -9.91 -15.65 -4.71
C TYR B 136 -8.93 -14.49 -4.70
N ILE B 137 -7.65 -14.80 -4.64
CA ILE B 137 -6.63 -13.75 -4.61
C ILE B 137 -6.34 -13.31 -6.05
N SER B 138 -6.34 -11.99 -6.27
CA SER B 138 -6.17 -11.44 -7.61
C SER B 138 -5.41 -10.13 -7.54
N TRP B 139 -4.81 -9.74 -8.66
CA TRP B 139 -4.15 -8.44 -8.71
C TRP B 139 -5.18 -7.31 -8.70
N GLU B 140 -6.37 -7.55 -9.26
CA GLU B 140 -7.38 -6.51 -9.28
C GLU B 140 -7.92 -6.25 -7.87
N SER B 141 -8.06 -7.31 -7.06
CA SER B 141 -8.48 -7.12 -5.68
C SER B 141 -7.43 -6.38 -4.88
N PHE B 142 -6.15 -6.58 -5.21
CA PHE B 142 -5.08 -5.86 -4.53
C PHE B 142 -5.06 -4.39 -4.90
N SER B 143 -5.05 -4.08 -6.20
CA SER B 143 -4.71 -2.73 -6.63
C SER B 143 -5.89 -1.78 -6.64
N ASN B 144 -7.11 -2.26 -6.89
CA ASN B 144 -8.29 -1.40 -7.03
C ASN B 144 -8.86 -1.11 -5.63
N VAL B 145 -8.58 0.08 -5.12
CA VAL B 145 -8.98 0.41 -3.74
C VAL B 145 -10.42 0.92 -3.68
N SER B 146 -11.13 0.89 -4.80
CA SER B 146 -12.54 1.26 -4.78
C SER B 146 -13.40 0.19 -4.11
N TYR B 147 -12.95 -1.07 -4.19
CA TYR B 147 -13.61 -2.16 -3.49
C TYR B 147 -13.41 -2.05 -1.98
N TYR B 148 -14.39 -2.57 -1.23
CA TYR B 148 -14.07 -3.09 0.08
C TYR B 148 -13.47 -4.48 -0.07
N THR B 149 -12.71 -4.90 0.92
CA THR B 149 -12.22 -6.27 0.97
C THR B 149 -13.13 -7.09 1.88
N ARG B 150 -12.81 -8.37 2.01
CA ARG B 150 -13.60 -9.24 2.87
C ARG B 150 -12.70 -10.36 3.38
N ILE B 151 -12.99 -10.82 4.60
CA ILE B 151 -12.13 -11.80 5.26
C ILE B 151 -12.44 -13.20 4.76
N LEU B 152 -13.69 -13.54 4.73
CA LEU B 152 -14.09 -14.82 4.18
C LEU B 152 -14.69 -14.62 2.79
N PRO B 153 -14.66 -15.64 1.95
CA PRO B 153 -15.27 -15.51 0.62
C PRO B 153 -16.78 -15.37 0.71
N SER B 154 -17.42 -15.15 -0.43
CA SER B 154 -18.87 -15.11 -0.45
C SER B 154 -19.42 -16.54 -0.39
N VAL B 155 -20.69 -16.64 -0.04
CA VAL B 155 -21.39 -17.91 -0.26
C VAL B 155 -21.53 -18.14 -1.76
N PRO B 156 -21.10 -19.28 -2.29
CA PRO B 156 -21.14 -19.47 -3.74
C PRO B 156 -22.55 -19.44 -4.30
N ARG B 157 -22.65 -19.08 -5.59
CA ARG B 157 -23.95 -18.87 -6.21
C ARG B 157 -24.71 -20.19 -6.41
N ASP B 158 -23.98 -21.30 -6.55
CA ASP B 158 -24.58 -22.61 -6.79
C ASP B 158 -24.79 -23.41 -5.50
N CYS B 159 -25.04 -22.72 -4.36
CA CYS B 159 -25.36 -23.42 -3.13
C CYS B 159 -26.86 -23.65 -3.02
N PRO B 160 -27.28 -24.73 -2.36
CA PRO B 160 -28.72 -24.98 -2.17
C PRO B 160 -29.36 -23.91 -1.32
N THR B 161 -28.80 -23.72 -0.13
CA THR B 161 -29.22 -22.73 0.85
C THR B 161 -28.55 -21.40 0.54
N PRO B 162 -29.23 -20.27 0.78
CA PRO B 162 -28.57 -18.96 0.60
C PRO B 162 -27.37 -18.76 1.52
N MET B 163 -27.25 -19.53 2.60
CA MET B 163 -26.13 -19.44 3.53
C MET B 163 -25.17 -20.62 3.38
N ASP B 164 -25.27 -21.37 2.29
CA ASP B 164 -24.45 -22.55 2.12
C ASP B 164 -25.29 -23.78 1.91
N THR B 165 -25.27 -24.69 2.89
CA THR B 165 -26.08 -25.90 2.82
C THR B 165 -27.08 -26.04 3.95
N LYS B 166 -26.87 -25.40 5.09
CA LYS B 166 -27.73 -25.56 6.25
C LYS B 166 -28.64 -24.36 6.39
N GLY B 167 -29.93 -24.61 6.59
CA GLY B 167 -30.93 -23.56 6.75
C GLY B 167 -32.12 -23.77 5.85
N LYS B 168 -32.96 -22.75 5.77
CA LYS B 168 -34.15 -22.77 4.93
C LYS B 168 -33.83 -22.28 3.52
N LYS B 169 -34.73 -22.60 2.58
CA LYS B 169 -34.51 -22.21 1.19
C LYS B 169 -34.64 -20.70 0.98
N GLN B 170 -35.31 -19.99 1.88
CA GLN B 170 -35.26 -18.53 1.89
C GLN B 170 -35.08 -18.06 3.32
N LEU B 171 -34.51 -16.86 3.45
CA LEU B 171 -34.11 -16.29 4.72
C LEU B 171 -35.22 -15.44 5.32
N PRO B 172 -35.17 -15.21 6.63
CA PRO B 172 -36.22 -14.43 7.29
C PRO B 172 -36.30 -13.00 6.76
N ASP B 173 -37.46 -12.39 6.94
CA ASP B 173 -37.68 -11.01 6.54
C ASP B 173 -36.81 -10.09 7.40
N ALA B 174 -36.09 -9.19 6.75
CA ALA B 174 -35.21 -8.28 7.50
C ALA B 174 -36.03 -7.30 8.33
N GLU B 175 -37.19 -6.88 7.82
CA GLU B 175 -38.04 -6.00 8.60
C GLU B 175 -38.64 -6.71 9.80
N PHE B 176 -38.93 -8.01 9.66
CA PHE B 176 -39.51 -8.75 10.77
C PHE B 176 -38.46 -9.09 11.82
N LEU B 177 -37.23 -9.40 11.40
CA LEU B 177 -36.16 -9.61 12.36
C LEU B 177 -35.84 -8.33 13.09
N SER B 178 -35.84 -7.20 12.38
CA SER B 178 -35.53 -5.93 13.03
C SER B 178 -36.65 -5.51 13.97
N ARG B 179 -37.90 -5.71 13.56
CA ARG B 179 -39.02 -5.30 14.41
C ARG B 179 -39.12 -6.19 15.64
N ARG B 180 -38.89 -7.49 15.48
CA ARG B 180 -39.12 -8.44 16.56
C ARG B 180 -37.92 -8.56 17.50
N PHE B 181 -36.69 -8.40 16.99
CA PHE B 181 -35.50 -8.68 17.78
C PHE B 181 -34.57 -7.49 17.99
N LEU B 182 -34.56 -6.51 17.09
CA LEU B 182 -33.64 -5.39 17.22
C LEU B 182 -34.32 -4.10 17.62
N LEU B 183 -35.65 -4.01 17.55
CA LEU B 183 -36.34 -2.77 17.85
C LEU B 183 -36.37 -2.49 19.36
N ARG B 184 -35.98 -1.28 19.74
CA ARG B 184 -36.03 -0.87 21.13
C ARG B 184 -37.47 -0.78 21.60
N ARG B 185 -37.76 -1.41 22.75
CA ARG B 185 -39.02 -1.18 23.44
C ARG B 185 -38.82 -0.21 24.60
N LYS B 186 -37.98 -0.58 25.56
CA LYS B 186 -37.53 0.30 26.62
C LYS B 186 -36.04 0.54 26.46
N PHE B 187 -35.59 1.75 26.79
CA PHE B 187 -34.20 2.12 26.61
C PHE B 187 -33.31 1.33 27.56
N ILE B 188 -32.37 0.58 27.00
CA ILE B 188 -31.39 -0.16 27.80
C ILE B 188 -30.09 0.62 27.80
N PRO B 189 -29.75 1.30 28.90
CA PRO B 189 -28.51 2.09 28.91
C PRO B 189 -27.29 1.19 28.98
N ASP B 190 -26.17 1.71 28.48
CA ASP B 190 -24.91 0.98 28.60
C ASP B 190 -24.47 0.89 30.04
N PRO B 191 -24.31 -0.32 30.59
CA PRO B 191 -23.93 -0.44 32.01
C PRO B 191 -22.53 0.04 32.26
N GLN B 192 -21.74 0.19 31.21
CA GLN B 192 -20.35 0.56 31.26
C GLN B 192 -20.14 2.08 31.28
N SER B 193 -21.20 2.86 31.12
CA SER B 193 -21.16 4.30 31.34
C SER B 193 -20.95 5.16 30.12
N THR B 194 -21.25 4.66 28.93
CA THR B 194 -20.81 5.30 27.68
C THR B 194 -21.65 6.53 27.35
N ASN B 195 -20.96 7.60 26.94
CA ASN B 195 -21.56 8.87 26.56
C ASN B 195 -22.18 8.83 25.16
N LEU B 196 -22.96 9.88 24.88
CA LEU B 196 -23.22 10.25 23.50
C LEU B 196 -22.05 11.04 22.90
N MET B 197 -21.21 11.64 23.74
CA MET B 197 -19.94 12.16 23.25
C MET B 197 -19.12 11.04 22.63
N PHE B 198 -19.11 9.87 23.27
CA PHE B 198 -18.51 8.69 22.67
C PHE B 198 -19.20 8.32 21.37
N ALA B 199 -20.54 8.35 21.36
CA ALA B 199 -21.27 7.78 20.23
C ALA B 199 -21.15 8.67 19.00
N PHE B 200 -21.21 9.99 19.19
CA PHE B 200 -20.97 10.87 18.06
C PHE B 200 -19.51 10.91 17.68
N PHE B 201 -18.60 10.65 18.63
CA PHE B 201 -17.21 10.45 18.23
C PHE B 201 -17.07 9.21 17.37
N ALA B 202 -17.82 8.15 17.69
CA ALA B 202 -17.75 6.91 16.91
C ALA B 202 -18.40 7.06 15.56
N GLN B 203 -19.40 7.93 15.43
CA GLN B 203 -19.99 8.15 14.13
C GLN B 203 -19.08 9.04 13.28
N HIS B 204 -18.50 10.05 13.91
CA HIS B 204 -17.59 10.96 13.22
C HIS B 204 -16.32 10.25 12.80
N PHE B 205 -15.75 9.46 13.70
CA PHE B 205 -14.48 8.80 13.44
C PHE B 205 -14.58 7.76 12.35
N THR B 206 -15.68 7.02 12.32
CA THR B 206 -15.76 5.86 11.45
C THR B 206 -16.23 6.19 10.05
N HIS B 207 -16.73 7.40 9.83
CA HIS B 207 -17.18 7.82 8.52
C HIS B 207 -16.07 8.47 7.70
N GLN B 208 -14.81 8.33 8.12
CA GLN B 208 -13.70 8.65 7.24
C GLN B 208 -13.22 7.45 6.44
N PHE B 209 -13.59 6.23 6.86
CA PHE B 209 -13.30 5.02 6.11
C PHE B 209 -14.53 4.20 5.79
N PHE B 210 -15.72 4.67 6.15
CA PHE B 210 -17.00 4.06 5.77
C PHE B 210 -17.76 5.08 4.93
N LYS B 211 -17.50 5.09 3.62
CA LYS B 211 -18.23 5.93 2.67
C LYS B 211 -18.64 5.02 1.51
N THR B 212 -19.75 4.32 1.66
CA THR B 212 -20.17 3.38 0.63
C THR B 212 -20.70 4.16 -0.56
N SER B 213 -20.27 3.77 -1.77
CA SER B 213 -20.62 4.51 -2.99
C SER B 213 -22.05 4.17 -3.40
N GLY B 214 -22.92 5.18 -3.43
CA GLY B 214 -24.25 4.97 -3.96
C GLY B 214 -24.25 4.74 -5.45
N LYS B 215 -23.30 5.36 -6.16
CA LYS B 215 -23.20 5.16 -7.60
C LYS B 215 -22.73 3.76 -7.93
N MET B 216 -21.62 3.33 -7.32
CA MET B 216 -21.03 2.05 -7.67
C MET B 216 -21.74 0.88 -6.99
N GLY B 217 -22.35 1.11 -5.83
CA GLY B 217 -23.15 0.09 -5.20
C GLY B 217 -22.52 -0.43 -3.92
N PRO B 218 -23.12 -1.48 -3.36
CA PRO B 218 -22.55 -2.08 -2.15
C PRO B 218 -21.26 -2.83 -2.47
N GLY B 219 -20.37 -2.85 -1.49
CA GLY B 219 -19.05 -3.41 -1.68
C GLY B 219 -18.05 -2.44 -2.26
N PHE B 220 -18.43 -1.18 -2.49
CA PHE B 220 -17.57 -0.16 -3.05
C PHE B 220 -17.55 1.05 -2.13
N THR B 221 -16.40 1.71 -2.05
CA THR B 221 -16.21 2.82 -1.12
C THR B 221 -15.64 4.04 -1.83
N LYS B 222 -16.04 5.21 -1.34
CA LYS B 222 -15.46 6.48 -1.77
C LYS B 222 -14.27 6.89 -0.92
N ALA B 223 -14.13 6.31 0.28
CA ALA B 223 -13.05 6.65 1.19
C ALA B 223 -11.84 5.80 0.83
N LEU B 224 -11.02 6.32 -0.07
CA LEU B 224 -9.94 5.51 -0.63
C LEU B 224 -8.72 5.46 0.27
N GLY B 225 -8.69 6.24 1.35
CA GLY B 225 -7.61 6.13 2.31
C GLY B 225 -7.67 4.83 3.11
N HIS B 226 -8.86 4.26 3.24
CA HIS B 226 -9.06 2.98 3.92
C HIS B 226 -8.57 2.99 5.36
N GLY B 227 -8.65 4.14 6.01
CA GLY B 227 -8.19 4.24 7.38
C GLY B 227 -8.27 5.63 7.97
N VAL B 228 -7.37 5.92 8.90
CA VAL B 228 -7.40 7.20 9.62
C VAL B 228 -6.55 8.16 8.78
N ASP B 229 -7.15 8.66 7.70
CA ASP B 229 -6.55 9.72 6.90
C ASP B 229 -7.16 11.08 7.18
N LEU B 230 -8.22 11.12 7.99
CA LEU B 230 -8.97 12.34 8.25
C LEU B 230 -9.57 12.92 6.98
N GLY B 231 -9.92 12.04 6.05
CA GLY B 231 -10.66 12.46 4.88
C GLY B 231 -12.07 12.92 5.18
N HIS B 232 -12.53 12.72 6.41
CA HIS B 232 -13.77 13.31 6.89
C HIS B 232 -13.56 14.74 7.36
N ILE B 233 -12.32 15.23 7.32
CA ILE B 233 -12.00 16.61 7.65
C ILE B 233 -11.43 17.35 6.45
N TYR B 234 -10.55 16.71 5.69
CA TYR B 234 -9.84 17.33 4.60
C TYR B 234 -10.36 16.91 3.24
N GLY B 235 -11.39 16.08 3.19
CA GLY B 235 -11.95 15.65 1.91
C GLY B 235 -11.33 14.37 1.40
N ASP B 236 -12.15 13.58 0.71
CA ASP B 236 -11.73 12.31 0.15
C ASP B 236 -11.08 12.44 -1.23
N ASN B 237 -10.98 13.66 -1.77
CA ASN B 237 -10.19 13.88 -2.96
C ASN B 237 -9.55 15.25 -2.89
N LEU B 238 -8.60 15.49 -3.79
CA LEU B 238 -7.72 16.64 -3.66
C LEU B 238 -8.42 17.96 -4.02
N GLU B 239 -9.36 17.91 -4.96
CA GLU B 239 -10.04 19.12 -5.40
C GLU B 239 -10.90 19.69 -4.27
N ARG B 240 -11.60 18.81 -3.55
CA ARG B 240 -12.36 19.24 -2.38
C ARG B 240 -11.43 19.78 -1.31
N GLN B 241 -10.25 19.16 -1.16
CA GLN B 241 -9.27 19.65 -0.20
C GLN B 241 -8.85 21.06 -0.52
N TYR B 242 -8.58 21.37 -1.79
CA TYR B 242 -8.22 22.75 -2.10
C TYR B 242 -9.40 23.69 -1.96
N GLN B 243 -10.63 23.18 -2.11
CA GLN B 243 -11.78 24.03 -1.87
C GLN B 243 -11.93 24.36 -0.39
N LEU B 244 -11.39 23.53 0.51
CA LEU B 244 -11.53 23.78 1.94
C LEU B 244 -10.36 24.53 2.56
N ARG B 245 -9.25 24.70 1.84
CA ARG B 245 -8.05 25.29 2.42
C ARG B 245 -8.02 26.80 2.23
N LEU B 246 -7.56 27.51 3.28
CA LEU B 246 -7.42 28.95 3.21
C LEU B 246 -6.23 29.38 2.36
N PHE B 247 -5.24 28.50 2.21
CA PHE B 247 -3.97 28.79 1.51
C PHE B 247 -3.24 29.97 2.13
N LYS B 248 -3.41 30.17 3.43
CA LYS B 248 -2.62 31.11 4.20
C LYS B 248 -2.27 30.43 5.52
N ASP B 249 -0.98 30.33 5.79
CA ASP B 249 -0.48 29.76 7.04
C ASP B 249 -0.95 28.31 7.22
N GLY B 250 -1.22 27.63 6.11
CA GLY B 250 -1.62 26.24 6.16
C GLY B 250 -2.98 25.97 6.74
N LYS B 251 -3.81 26.99 6.91
CA LYS B 251 -5.04 26.84 7.66
C LYS B 251 -6.16 26.33 6.77
N LEU B 252 -7.26 25.96 7.41
CA LEU B 252 -8.53 25.68 6.75
C LEU B 252 -9.40 26.93 6.81
N LYS B 253 -10.31 27.02 5.84
CA LYS B 253 -11.23 28.14 5.80
C LYS B 253 -12.24 28.02 6.93
N TYR B 254 -12.76 29.16 7.39
CA TYR B 254 -13.59 29.19 8.58
C TYR B 254 -14.42 30.47 8.57
N GLN B 255 -15.42 30.51 9.45
CA GLN B 255 -16.26 31.69 9.58
C GLN B 255 -16.50 31.95 11.06
N MET B 256 -16.76 33.21 11.37
CA MET B 256 -16.89 33.69 12.75
C MET B 256 -18.35 33.95 13.04
N LEU B 257 -18.90 33.23 14.01
CA LEU B 257 -20.28 33.43 14.45
C LEU B 257 -20.29 33.60 15.96
N ASN B 258 -20.81 34.74 16.42
CA ASN B 258 -20.89 35.06 17.84
C ASN B 258 -19.53 35.09 18.51
N GLY B 259 -18.49 35.44 17.74
CA GLY B 259 -17.14 35.43 18.27
C GLY B 259 -16.49 34.08 18.32
N GLU B 260 -17.11 33.05 17.74
CA GLU B 260 -16.62 31.69 17.80
C GLU B 260 -16.32 31.16 16.39
N VAL B 261 -15.32 30.30 16.31
CA VAL B 261 -14.83 29.78 15.04
C VAL B 261 -15.66 28.56 14.64
N TYR B 262 -16.23 28.60 13.45
CA TYR B 262 -17.07 27.55 12.90
C TYR B 262 -16.60 27.23 11.49
N PRO B 263 -16.97 26.07 10.94
CA PRO B 263 -16.63 25.80 9.55
C PRO B 263 -17.27 26.81 8.64
N PRO B 264 -16.70 27.07 7.48
CA PRO B 264 -17.16 28.17 6.63
C PRO B 264 -18.43 27.79 5.88
N SER B 265 -19.04 28.80 5.28
CA SER B 265 -20.24 28.60 4.47
C SER B 265 -19.87 27.97 3.12
N VAL B 266 -20.86 27.30 2.51
CA VAL B 266 -20.63 26.74 1.20
C VAL B 266 -20.53 27.83 0.13
N GLU B 267 -21.00 29.03 0.45
CA GLU B 267 -20.80 30.16 -0.45
C GLU B 267 -19.35 30.59 -0.45
N GLU B 268 -18.64 30.38 0.66
CA GLU B 268 -17.21 30.66 0.74
C GLU B 268 -16.37 29.45 0.35
N ALA B 269 -16.85 28.24 0.60
CA ALA B 269 -16.14 26.99 0.27
C ALA B 269 -17.06 26.13 -0.59
N PRO B 270 -17.10 26.40 -1.88
CA PRO B 270 -18.09 25.75 -2.74
C PRO B 270 -17.79 24.31 -3.08
N VAL B 271 -18.18 23.37 -2.22
CA VAL B 271 -18.00 21.95 -2.51
C VAL B 271 -19.25 21.18 -2.10
N LEU B 272 -19.40 19.99 -2.68
CA LEU B 272 -20.64 19.22 -2.59
C LEU B 272 -20.94 18.82 -1.14
N MET B 273 -22.06 19.30 -0.61
CA MET B 273 -22.50 19.02 0.74
C MET B 273 -23.96 18.61 0.72
N HIS B 274 -24.26 17.40 1.21
CA HIS B 274 -25.64 16.95 1.30
C HIS B 274 -26.37 17.73 2.38
N TYR B 275 -27.54 18.27 2.02
CA TYR B 275 -28.35 19.12 2.86
C TYR B 275 -29.80 19.00 2.42
N PRO B 276 -30.74 19.44 3.25
CA PRO B 276 -32.15 19.49 2.82
C PRO B 276 -32.33 20.36 1.59
N ARG B 277 -33.01 19.80 0.58
CA ARG B 277 -33.30 20.56 -0.63
C ARG B 277 -34.17 21.75 -0.29
N GLY B 278 -33.59 22.95 -0.32
CA GLY B 278 -34.29 24.14 0.08
C GLY B 278 -33.94 24.58 1.49
N ILE B 279 -32.66 24.59 1.80
CA ILE B 279 -32.14 25.15 3.04
C ILE B 279 -31.73 26.58 2.69
N PRO B 280 -31.41 27.43 3.66
CA PRO B 280 -30.68 28.68 3.35
C PRO B 280 -29.17 28.49 3.36
N PRO B 281 -28.54 28.11 2.24
CA PRO B 281 -27.08 28.27 2.18
C PRO B 281 -26.73 29.73 2.32
N GLN B 282 -25.52 29.98 2.84
CA GLN B 282 -25.08 31.07 3.73
C GLN B 282 -25.41 30.66 5.16
N SER B 283 -26.04 29.50 5.35
CA SER B 283 -26.09 28.83 6.64
C SER B 283 -25.72 27.35 6.53
N GLN B 284 -25.38 26.88 5.33
CA GLN B 284 -24.73 25.59 5.20
C GLN B 284 -23.29 25.71 5.68
N MET B 285 -22.74 24.59 6.15
CA MET B 285 -21.34 24.53 6.53
C MET B 285 -20.62 23.47 5.71
N ALA B 286 -19.40 23.78 5.29
CA ALA B 286 -18.61 22.94 4.40
C ALA B 286 -17.52 22.25 5.20
N VAL B 287 -17.52 20.92 5.18
CA VAL B 287 -16.55 20.10 5.87
C VAL B 287 -16.12 18.96 4.93
N GLY B 288 -15.23 18.10 5.43
CA GLY B 288 -14.65 17.08 4.56
C GLY B 288 -15.62 15.98 4.19
N GLN B 289 -16.50 15.60 5.12
CA GLN B 289 -17.50 14.56 4.88
C GLN B 289 -18.81 15.18 4.42
N GLU B 290 -19.38 14.61 3.35
CA GLU B 290 -20.51 15.24 2.68
C GLU B 290 -21.77 15.22 3.52
N VAL B 291 -21.87 14.34 4.50
CA VAL B 291 -23.12 14.14 5.23
C VAL B 291 -23.07 14.73 6.63
N PHE B 292 -21.98 15.40 7.01
CA PHE B 292 -21.87 15.88 8.38
C PHE B 292 -22.80 17.05 8.68
N GLY B 293 -23.46 17.62 7.68
CA GLY B 293 -24.46 18.63 7.98
C GLY B 293 -25.73 18.06 8.59
N LEU B 294 -25.98 16.77 8.38
CA LEU B 294 -27.25 16.19 8.74
C LEU B 294 -27.40 15.93 10.24
N LEU B 295 -26.31 15.93 11.00
CA LEU B 295 -26.41 15.77 12.44
C LEU B 295 -25.59 16.82 13.18
N PRO B 296 -26.15 17.40 14.25
CA PRO B 296 -25.41 18.44 14.98
C PRO B 296 -24.16 17.94 15.69
N GLY B 297 -24.13 16.68 16.14
CA GLY B 297 -22.93 16.19 16.81
C GLY B 297 -21.79 15.93 15.86
N LEU B 298 -22.12 15.57 14.62
CA LEU B 298 -21.09 15.34 13.62
C LEU B 298 -20.45 16.67 13.23
N MET B 299 -21.27 17.72 13.07
CA MET B 299 -20.73 19.04 12.80
C MET B 299 -20.07 19.64 14.04
N LEU B 300 -20.45 19.17 15.23
CA LEU B 300 -19.72 19.52 16.44
C LEU B 300 -18.28 19.04 16.36
N TYR B 301 -18.07 17.76 16.06
CA TYR B 301 -16.70 17.27 16.00
C TYR B 301 -15.95 17.89 14.82
N ALA B 302 -16.63 18.14 13.71
CA ALA B 302 -15.92 18.78 12.60
C ALA B 302 -15.48 20.18 12.97
N THR B 303 -16.27 20.89 13.80
CA THR B 303 -15.86 22.19 14.29
C THR B 303 -14.65 22.07 15.22
N ILE B 304 -14.67 21.06 16.08
CA ILE B 304 -13.58 20.90 17.05
C ILE B 304 -12.27 20.61 16.33
N TRP B 305 -12.31 19.69 15.36
CA TRP B 305 -11.08 19.36 14.66
C TRP B 305 -10.61 20.49 13.76
N LEU B 306 -11.52 21.30 13.22
CA LEU B 306 -11.07 22.42 12.40
C LEU B 306 -10.36 23.46 13.27
N ARG B 307 -10.91 23.72 14.46
CA ARG B 307 -10.24 24.63 15.38
C ARG B 307 -8.87 24.08 15.77
N GLU B 308 -8.78 22.75 15.93
CA GLU B 308 -7.51 22.14 16.30
C GLU B 308 -6.49 22.27 15.17
N HIS B 309 -6.95 22.08 13.93
CA HIS B 309 -6.06 22.24 12.79
C HIS B 309 -5.46 23.62 12.74
N ASN B 310 -6.30 24.66 12.92
CA ASN B 310 -5.70 25.98 12.80
C ASN B 310 -4.87 26.36 14.03
N ARG B 311 -5.15 25.76 15.20
CA ARG B 311 -4.28 26.00 16.35
C ARG B 311 -2.90 25.40 16.11
N VAL B 312 -2.87 24.18 15.55
CA VAL B 312 -1.61 23.53 15.23
C VAL B 312 -0.87 24.31 14.16
N CYS B 313 -1.61 24.92 13.22
CA CYS B 313 -0.95 25.74 12.21
C CYS B 313 -0.30 26.97 12.85
N ASP B 314 -0.94 27.54 13.87
CA ASP B 314 -0.30 28.66 14.56
C ASP B 314 0.96 28.21 15.28
N LEU B 315 0.93 27.02 15.88
CA LEU B 315 2.09 26.54 16.62
C LEU B 315 3.25 26.21 15.68
N LEU B 316 2.94 25.67 14.50
CA LEU B 316 4.00 25.34 13.55
C LEU B 316 4.59 26.61 12.94
N LYS B 317 3.75 27.60 12.65
CA LYS B 317 4.27 28.82 12.05
C LYS B 317 5.12 29.59 13.05
N ALA B 318 4.83 29.49 14.35
CA ALA B 318 5.70 30.13 15.32
C ALA B 318 7.10 29.55 15.28
N GLU B 319 7.21 28.24 15.05
CA GLU B 319 8.49 27.57 15.07
C GLU B 319 9.14 27.52 13.70
N HIS B 320 8.36 27.65 12.62
CA HIS B 320 8.87 27.58 11.26
C HIS B 320 8.42 28.80 10.47
N PRO B 321 9.10 29.94 10.63
CA PRO B 321 8.72 31.12 9.83
C PRO B 321 8.93 30.93 8.35
N THR B 322 9.76 29.98 7.95
CA THR B 322 10.17 29.83 6.55
C THR B 322 9.23 28.94 5.76
N TRP B 323 8.41 28.13 6.43
CA TRP B 323 7.56 27.18 5.73
C TRP B 323 6.48 27.89 4.92
N GLY B 324 6.17 27.32 3.76
CA GLY B 324 5.09 27.81 2.94
C GLY B 324 3.75 27.30 3.47
N ASP B 325 2.74 27.37 2.60
CA ASP B 325 1.40 26.96 2.98
C ASP B 325 1.27 25.44 3.00
N GLU B 326 1.90 24.76 2.04
CA GLU B 326 1.77 23.31 1.96
C GLU B 326 2.38 22.61 3.17
N GLN B 327 3.58 23.00 3.60
CA GLN B 327 4.21 22.23 4.66
C GLN B 327 3.53 22.49 5.99
N LEU B 328 3.11 23.73 6.22
CA LEU B 328 2.30 24.05 7.40
C LEU B 328 0.98 23.31 7.37
N PHE B 329 0.46 23.00 6.19
CA PHE B 329 -0.80 22.27 6.12
C PHE B 329 -0.59 20.78 6.34
N GLN B 330 0.31 20.18 5.56
CA GLN B 330 0.43 18.72 5.56
C GLN B 330 0.98 18.21 6.88
N THR B 331 1.89 18.97 7.51
CA THR B 331 2.40 18.48 8.79
C THR B 331 1.35 18.63 9.88
N ALA B 332 0.49 19.64 9.79
CA ALA B 332 -0.60 19.75 10.75
C ALA B 332 -1.62 18.65 10.55
N ARG B 333 -1.82 18.22 9.31
CA ARG B 333 -2.66 17.05 9.07
C ARG B 333 -2.05 15.81 9.71
N LEU B 334 -0.73 15.64 9.59
CA LEU B 334 -0.12 14.48 10.22
C LEU B 334 -0.21 14.55 11.74
N ILE B 335 -0.16 15.75 12.30
CA ILE B 335 -0.34 15.91 13.74
C ILE B 335 -1.76 15.53 14.16
N LEU B 336 -2.77 15.94 13.39
CA LEU B 336 -4.13 15.57 13.76
C LEU B 336 -4.40 14.09 13.54
N ILE B 337 -3.74 13.48 12.56
CA ILE B 337 -3.87 12.03 12.38
C ILE B 337 -3.29 11.30 13.58
N GLY B 338 -2.10 11.71 14.01
CA GLY B 338 -1.46 11.05 15.12
C GLY B 338 -2.23 11.23 16.42
N GLU B 339 -2.71 12.45 16.68
CA GLU B 339 -3.41 12.60 17.94
C GLU B 339 -4.82 12.01 17.88
N THR B 340 -5.35 11.80 16.68
CA THR B 340 -6.57 11.00 16.56
C THR B 340 -6.31 9.56 16.99
N ILE B 341 -5.21 8.97 16.53
CA ILE B 341 -4.97 7.58 16.93
C ILE B 341 -4.64 7.49 18.41
N LYS B 342 -3.93 8.49 18.95
CA LYS B 342 -3.65 8.52 20.37
C LYS B 342 -4.95 8.52 21.18
N ILE B 343 -5.91 9.37 20.78
CA ILE B 343 -7.14 9.47 21.55
C ILE B 343 -7.98 8.21 21.40
N VAL B 344 -8.00 7.61 20.22
CA VAL B 344 -8.89 6.46 20.05
C VAL B 344 -8.34 5.22 20.73
N ILE B 345 -7.01 5.11 20.87
CA ILE B 345 -6.50 3.96 21.61
C ILE B 345 -6.59 4.17 23.11
N GLU B 346 -6.14 5.34 23.59
CA GLU B 346 -6.02 5.46 25.04
C GLU B 346 -7.29 5.95 25.74
N GLU B 347 -8.29 6.44 25.01
CA GLU B 347 -9.55 6.83 25.62
C GLU B 347 -10.77 6.14 25.02
N TYR B 348 -10.89 6.12 23.70
CA TYR B 348 -12.05 5.51 23.04
C TYR B 348 -12.10 4.01 23.29
N VAL B 349 -11.04 3.30 22.90
CA VAL B 349 -11.00 1.86 23.15
C VAL B 349 -10.85 1.57 24.63
N GLN B 350 -10.23 2.49 25.37
CA GLN B 350 -10.13 2.29 26.83
C GLN B 350 -11.52 2.30 27.46
N GLN B 351 -12.36 3.27 27.10
CA GLN B 351 -13.73 3.30 27.61
C GLN B 351 -14.54 2.12 27.10
N LEU B 352 -14.29 1.71 25.86
CA LEU B 352 -15.06 0.62 25.28
C LEU B 352 -14.69 -0.73 25.91
N SER B 353 -13.45 -0.88 26.37
CA SER B 353 -13.00 -2.16 26.91
C SER B 353 -13.43 -2.35 28.36
N GLY B 354 -13.36 -1.29 29.15
CA GLY B 354 -13.54 -1.43 30.58
C GLY B 354 -12.35 -2.05 31.27
N TYR B 355 -11.19 -2.08 30.60
CA TYR B 355 -10.03 -2.74 31.18
C TYR B 355 -9.43 -1.92 32.31
N PHE B 356 -8.97 -2.62 33.35
CA PHE B 356 -8.10 -1.98 34.32
C PHE B 356 -6.70 -1.84 33.76
N LEU B 357 -6.32 -2.69 32.80
CA LEU B 357 -5.12 -2.46 32.01
C LEU B 357 -5.26 -1.18 31.21
N GLN B 358 -4.37 -0.23 31.47
CA GLN B 358 -4.39 1.04 30.78
C GLN B 358 -3.73 0.86 29.41
N LEU B 359 -4.49 1.01 28.34
CA LEU B 359 -3.97 0.80 27.00
C LEU B 359 -3.01 1.93 26.63
N LYS B 360 -2.14 1.66 25.65
CA LYS B 360 -1.07 2.58 25.30
C LYS B 360 -0.89 2.64 23.79
N PHE B 361 -0.78 3.85 23.25
CA PHE B 361 -0.41 4.07 21.85
C PHE B 361 1.08 4.36 21.77
N ASP B 362 1.85 3.34 21.42
CA ASP B 362 3.27 3.46 21.16
C ASP B 362 3.60 2.62 19.93
N PRO B 363 3.86 3.24 18.79
CA PRO B 363 4.19 2.44 17.59
C PRO B 363 5.47 1.65 17.73
N GLU B 364 6.38 2.09 18.61
CA GLU B 364 7.66 1.41 18.75
C GLU B 364 7.47 -0.02 19.27
N LEU B 365 6.31 -0.31 19.86
CA LEU B 365 6.04 -1.67 20.34
C LEU B 365 6.03 -2.67 19.20
N LEU B 366 5.74 -2.22 17.98
CA LEU B 366 5.71 -3.13 16.85
C LEU B 366 6.98 -3.09 16.01
N PHE B 367 8.03 -2.37 16.47
CA PHE B 367 9.20 -2.25 15.60
C PHE B 367 10.02 -3.53 15.52
N GLY B 368 9.77 -4.51 16.38
CA GLY B 368 10.48 -5.77 16.28
C GLY B 368 9.77 -6.79 15.41
N ALA B 369 8.44 -6.71 15.35
CA ALA B 369 7.64 -7.74 14.69
C ALA B 369 7.59 -7.49 13.19
N GLN B 370 7.08 -8.48 12.46
CA GLN B 370 6.73 -8.30 11.06
C GLN B 370 5.28 -7.84 11.02
N PHE B 371 5.09 -6.58 10.65
CA PHE B 371 3.78 -5.95 10.69
C PHE B 371 3.67 -5.06 9.47
N GLN B 372 2.69 -5.33 8.63
CA GLN B 372 2.50 -4.54 7.41
C GLN B 372 1.75 -3.26 7.73
N TYR B 373 2.38 -2.11 7.47
CA TYR B 373 1.79 -0.81 7.74
C TYR B 373 0.87 -0.42 6.57
N ARG B 374 -0.23 -1.15 6.48
CA ARG B 374 -1.26 -0.96 5.47
C ARG B 374 -2.61 -1.26 6.09
N ASN B 375 -3.67 -0.69 5.53
CA ASN B 375 -5.01 -1.08 5.94
C ASN B 375 -5.92 -1.08 4.73
N ARG B 376 -6.87 -2.01 4.73
CA ARG B 376 -7.90 -2.10 3.71
C ARG B 376 -9.21 -2.42 4.43
N ILE B 377 -10.22 -1.57 4.26
CA ILE B 377 -11.44 -1.71 5.03
C ILE B 377 -12.23 -2.91 4.53
N ALA B 378 -12.65 -3.76 5.46
CA ALA B 378 -13.43 -4.94 5.10
C ALA B 378 -14.92 -4.63 5.12
N MET B 379 -15.68 -5.37 4.32
CA MET B 379 -17.13 -5.20 4.32
C MET B 379 -17.74 -5.74 5.60
N GLU B 380 -17.15 -6.77 6.19
CA GLU B 380 -17.64 -7.27 7.46
C GLU B 380 -17.43 -6.23 8.56
N PHE B 381 -16.34 -5.49 8.48
CA PHE B 381 -16.06 -4.44 9.45
C PHE B 381 -16.98 -3.25 9.25
N ASN B 382 -17.46 -3.05 8.02
CA ASN B 382 -18.54 -2.10 7.78
C ASN B 382 -19.83 -2.56 8.42
N GLN B 383 -20.18 -3.84 8.25
CA GLN B 383 -21.36 -4.41 8.90
C GLN B 383 -21.29 -4.25 10.41
N LEU B 384 -20.10 -4.31 10.98
CA LEU B 384 -19.91 -4.49 12.41
C LEU B 384 -19.97 -3.18 13.20
N TYR B 385 -19.69 -2.04 12.56
CA TYR B 385 -19.77 -0.72 13.21
C TYR B 385 -21.13 -0.06 13.09
N HIS B 386 -22.20 -0.80 12.81
CA HIS B 386 -23.53 -0.22 12.88
C HIS B 386 -23.98 -0.23 14.33
N TRP B 387 -23.52 0.81 15.05
CA TRP B 387 -23.74 0.94 16.49
C TRP B 387 -24.91 1.85 16.83
N HIS B 388 -25.95 1.83 16.01
CA HIS B 388 -27.17 2.60 16.20
C HIS B 388 -27.88 2.36 17.53
N PRO B 389 -27.70 1.23 18.22
CA PRO B 389 -28.20 1.15 19.61
C PRO B 389 -27.63 2.21 20.53
N LEU B 390 -26.49 2.84 20.17
CA LEU B 390 -25.95 3.89 21.02
C LEU B 390 -26.88 5.10 21.08
N MET B 391 -27.68 5.31 20.06
CA MET B 391 -28.51 6.51 19.98
C MET B 391 -29.68 6.41 20.96
N PRO B 392 -30.00 7.51 21.66
CA PRO B 392 -31.00 7.45 22.74
C PRO B 392 -32.42 7.56 22.24
N ASP B 393 -33.37 7.66 23.17
CA ASP B 393 -34.75 7.94 22.79
C ASP B 393 -34.94 9.40 22.42
N SER B 394 -34.28 10.30 23.14
CA SER B 394 -34.31 11.73 22.86
C SER B 394 -32.94 12.30 23.19
N PHE B 395 -32.74 13.56 22.82
CA PHE B 395 -31.44 14.21 22.93
C PHE B 395 -31.56 15.34 23.95
N ARG B 396 -31.14 15.06 25.19
CA ARG B 396 -31.27 16.03 26.27
C ARG B 396 -30.11 17.01 26.22
N VAL B 397 -30.44 18.30 26.07
CA VAL B 397 -29.47 19.39 26.09
C VAL B 397 -29.90 20.33 27.21
N GLY B 398 -29.28 20.18 28.38
CA GLY B 398 -29.57 20.98 29.53
C GLY B 398 -30.98 20.80 30.03
N PRO B 399 -31.74 21.89 30.11
CA PRO B 399 -33.16 21.78 30.43
C PRO B 399 -34.01 21.34 29.26
N GLN B 400 -33.56 21.57 28.03
CA GLN B 400 -34.34 21.19 26.85
C GLN B 400 -34.14 19.72 26.52
N ASP B 401 -35.15 19.13 25.90
CA ASP B 401 -35.14 17.73 25.47
C ASP B 401 -35.66 17.67 24.04
N TYR B 402 -34.77 17.37 23.09
CA TYR B 402 -35.09 17.44 21.67
C TYR B 402 -35.39 16.06 21.12
N SER B 403 -36.44 15.97 20.32
CA SER B 403 -36.78 14.71 19.67
C SER B 403 -35.90 14.52 18.43
N TYR B 404 -36.07 13.38 17.77
CA TYR B 404 -35.36 13.12 16.52
C TYR B 404 -35.72 14.14 15.45
N GLU B 405 -37.01 14.48 15.34
CA GLU B 405 -37.42 15.45 14.34
C GLU B 405 -36.87 16.84 14.67
N GLN B 406 -36.61 17.10 15.95
CA GLN B 406 -35.97 18.34 16.36
C GLN B 406 -34.45 18.32 16.25
N PHE B 407 -33.85 17.12 16.24
CA PHE B 407 -32.40 16.97 16.26
C PHE B 407 -31.82 16.61 14.89
N LEU B 408 -32.42 15.64 14.21
CA LEU B 408 -31.99 15.30 12.87
C LEU B 408 -32.14 16.52 11.97
N PHE B 409 -31.16 16.75 11.11
CA PHE B 409 -31.20 17.75 10.05
C PHE B 409 -31.24 19.17 10.59
N ASN B 410 -31.05 19.36 11.89
CA ASN B 410 -31.17 20.68 12.47
C ASN B 410 -29.89 21.48 12.22
N THR B 411 -30.06 22.74 11.82
CA THR B 411 -28.95 23.54 11.31
C THR B 411 -28.52 24.67 12.21
N SER B 412 -29.32 25.04 13.20
CA SER B 412 -28.98 26.16 14.05
C SER B 412 -28.60 25.77 15.47
N MET B 413 -28.74 24.49 15.84
CA MET B 413 -28.54 24.12 17.24
C MET B 413 -27.07 24.25 17.65
N LEU B 414 -26.16 23.97 16.71
CA LEU B 414 -24.73 24.07 17.00
C LEU B 414 -24.32 25.51 17.30
N VAL B 415 -24.74 26.44 16.46
CA VAL B 415 -24.35 27.83 16.68
C VAL B 415 -25.14 28.45 17.82
N ASP B 416 -26.34 27.93 18.10
CA ASP B 416 -27.12 28.46 19.21
C ASP B 416 -26.51 28.10 20.55
N TYR B 417 -26.26 26.81 20.79
CA TYR B 417 -25.72 26.44 22.10
C TYR B 417 -24.23 26.69 22.21
N GLY B 418 -23.48 26.43 21.14
CA GLY B 418 -22.03 26.51 21.16
C GLY B 418 -21.41 25.15 21.43
N VAL B 419 -20.13 25.02 21.05
CA VAL B 419 -19.50 23.71 21.16
C VAL B 419 -19.27 23.34 22.62
N GLU B 420 -19.07 24.34 23.49
CA GLU B 420 -18.88 24.05 24.90
C GLU B 420 -20.12 23.40 25.49
N ALA B 421 -21.29 23.91 25.13
CA ALA B 421 -22.54 23.45 25.71
C ALA B 421 -22.98 22.11 25.12
N LEU B 422 -22.72 21.86 23.83
CA LEU B 422 -23.09 20.57 23.26
C LEU B 422 -22.13 19.47 23.66
N VAL B 423 -20.84 19.79 23.84
CA VAL B 423 -19.93 18.80 24.41
C VAL B 423 -20.35 18.51 25.85
N ASP B 424 -20.73 19.54 26.60
CA ASP B 424 -21.11 19.32 27.99
C ASP B 424 -22.37 18.48 28.09
N ALA B 425 -23.33 18.69 27.17
CA ALA B 425 -24.58 17.96 27.24
C ALA B 425 -24.44 16.55 26.71
N PHE B 426 -23.62 16.36 25.69
CA PHE B 426 -23.42 15.01 25.15
C PHE B 426 -22.57 14.16 26.07
N SER B 427 -21.71 14.78 26.88
CA SER B 427 -20.90 14.01 27.82
C SER B 427 -21.66 13.67 29.09
N ARG B 428 -22.91 14.08 29.22
CA ARG B 428 -23.73 13.68 30.36
C ARG B 428 -24.85 12.72 30.03
N GLN B 429 -25.28 12.66 28.78
CA GLN B 429 -26.41 11.78 28.49
C GLN B 429 -25.91 10.37 28.21
N PRO B 430 -26.50 9.36 28.85
CA PRO B 430 -26.06 7.99 28.60
C PRO B 430 -26.37 7.54 27.19
N ALA B 431 -25.53 6.63 26.67
CA ALA B 431 -25.77 5.98 25.40
C ALA B 431 -26.30 4.58 25.63
N GLY B 432 -26.82 3.97 24.57
CA GLY B 432 -27.44 2.68 24.70
C GLY B 432 -26.45 1.53 24.62
N ARG B 433 -26.83 0.41 25.24
CA ARG B 433 -26.01 -0.78 25.16
C ARG B 433 -26.08 -1.33 23.74
N ILE B 434 -24.93 -1.74 23.21
CA ILE B 434 -24.90 -2.21 21.82
C ILE B 434 -25.44 -3.62 21.70
N GLY B 435 -24.89 -4.55 22.48
CA GLY B 435 -25.30 -5.94 22.39
C GLY B 435 -26.55 -6.24 23.17
N GLY B 436 -26.92 -7.51 23.18
CA GLY B 436 -28.10 -7.97 23.89
C GLY B 436 -29.37 -8.00 23.09
N GLY B 437 -29.43 -7.27 21.98
CA GLY B 437 -30.60 -7.20 21.14
C GLY B 437 -31.66 -6.26 21.68
N ARG B 438 -32.55 -5.85 20.78
CA ARG B 438 -33.77 -5.12 21.15
C ARG B 438 -33.43 -3.75 21.76
N ASN B 439 -32.54 -2.99 21.10
CA ASN B 439 -32.15 -1.70 21.64
C ASN B 439 -31.96 -0.63 20.57
N ILE B 440 -32.53 -0.80 19.37
CA ILE B 440 -32.43 0.20 18.30
C ILE B 440 -33.72 1.00 18.27
N ASP B 441 -33.60 2.32 18.27
CA ASP B 441 -34.76 3.18 18.19
C ASP B 441 -35.44 3.02 16.83
N HIS B 442 -36.75 3.28 16.79
CA HIS B 442 -37.50 3.05 15.57
C HIS B 442 -37.21 4.09 14.49
N HIS B 443 -36.68 5.25 14.88
CA HIS B 443 -36.35 6.27 13.89
C HIS B 443 -35.23 5.79 12.97
N ILE B 444 -34.27 5.04 13.49
CA ILE B 444 -33.12 4.61 12.71
C ILE B 444 -33.09 3.10 12.53
N LEU B 445 -34.17 2.41 12.91
CA LEU B 445 -34.21 0.95 12.75
C LEU B 445 -34.13 0.56 11.30
N HIS B 446 -34.54 1.45 10.38
CA HIS B 446 -34.50 1.11 8.98
C HIS B 446 -33.07 0.88 8.50
N VAL B 447 -32.10 1.57 9.13
CA VAL B 447 -30.71 1.31 8.79
C VAL B 447 -30.38 -0.15 9.06
N ALA B 448 -30.77 -0.64 10.23
CA ALA B 448 -30.50 -2.03 10.59
C ALA B 448 -31.20 -2.97 9.63
N VAL B 449 -32.33 -2.54 9.06
CA VAL B 449 -32.98 -3.38 8.07
C VAL B 449 -32.10 -3.49 6.83
N ASP B 450 -31.66 -2.35 6.29
CA ASP B 450 -30.93 -2.38 5.03
C ASP B 450 -29.62 -3.12 5.17
N VAL B 451 -28.96 -3.01 6.33
CA VAL B 451 -27.68 -3.69 6.48
C VAL B 451 -27.87 -5.20 6.54
N ILE B 452 -29.04 -5.67 6.97
CA ILE B 452 -29.31 -7.09 6.82
C ILE B 452 -29.51 -7.44 5.35
N LYS B 453 -30.27 -6.62 4.62
CA LYS B 453 -30.52 -6.91 3.21
C LYS B 453 -29.23 -6.79 2.43
N GLU B 454 -28.41 -5.80 2.76
CA GLU B 454 -27.12 -5.67 2.12
C GLU B 454 -26.23 -6.87 2.43
N SER B 455 -26.34 -7.41 3.66
CA SER B 455 -25.58 -8.60 3.99
C SER B 455 -25.97 -9.76 3.09
N ARG B 456 -27.20 -9.77 2.59
CA ARG B 456 -27.59 -10.82 1.67
C ARG B 456 -27.15 -10.51 0.25
N VAL B 457 -27.05 -9.22 -0.10
CA VAL B 457 -26.53 -8.86 -1.42
C VAL B 457 -25.05 -9.24 -1.52
N LEU B 458 -24.27 -8.94 -0.48
CA LEU B 458 -22.85 -9.25 -0.44
C LEU B 458 -22.55 -10.73 -0.23
N ARG B 459 -23.56 -11.54 0.08
CA ARG B 459 -23.39 -12.98 0.28
C ARG B 459 -22.39 -13.28 1.39
N LEU B 460 -22.58 -12.65 2.54
CA LEU B 460 -21.76 -12.96 3.71
C LEU B 460 -22.05 -14.37 4.20
N GLN B 461 -21.00 -15.04 4.69
CA GLN B 461 -21.13 -16.40 5.20
C GLN B 461 -21.86 -16.39 6.54
N PRO B 462 -22.30 -17.55 7.02
CA PRO B 462 -22.99 -17.60 8.31
C PRO B 462 -22.14 -17.11 9.47
N PHE B 463 -22.83 -16.76 10.55
CA PHE B 463 -22.20 -16.17 11.73
C PHE B 463 -21.20 -17.12 12.37
N ASN B 464 -21.50 -18.43 12.36
CA ASN B 464 -20.56 -19.40 12.94
C ASN B 464 -19.28 -19.48 12.15
N GLU B 465 -19.33 -19.26 10.83
CA GLU B 465 -18.12 -19.32 10.03
C GLU B 465 -17.22 -18.13 10.33
N TYR B 466 -17.81 -16.98 10.67
CA TYR B 466 -17.01 -15.86 11.12
C TYR B 466 -16.52 -16.04 12.55
N ARG B 467 -17.24 -16.83 13.36
CA ARG B 467 -16.68 -17.17 14.66
C ARG B 467 -15.47 -18.08 14.52
N LYS B 468 -15.54 -19.06 13.62
CA LYS B 468 -14.39 -19.94 13.41
C LYS B 468 -13.23 -19.20 12.78
N ARG B 469 -13.51 -18.19 11.95
CA ARG B 469 -12.41 -17.46 11.32
C ARG B 469 -11.67 -16.59 12.34
N PHE B 470 -12.37 -16.06 13.33
CA PHE B 470 -11.76 -15.20 14.33
C PHE B 470 -11.47 -15.93 15.65
N GLY B 471 -11.19 -17.23 15.58
CA GLY B 471 -10.64 -17.94 16.72
C GLY B 471 -11.62 -18.29 17.82
N MET B 472 -12.86 -18.60 17.46
CA MET B 472 -13.90 -18.91 18.43
C MET B 472 -14.62 -20.20 18.02
N LYS B 473 -15.20 -20.86 19.00
CA LYS B 473 -15.99 -22.02 18.65
C LYS B 473 -17.37 -21.60 18.19
N PRO B 474 -17.94 -22.27 17.17
CA PRO B 474 -19.29 -21.93 16.74
C PRO B 474 -20.32 -22.31 17.80
N TYR B 475 -21.45 -21.62 17.79
CA TYR B 475 -22.53 -21.94 18.70
C TYR B 475 -23.26 -23.19 18.26
N THR B 476 -23.66 -24.00 19.24
CA THR B 476 -24.38 -25.23 18.97
C THR B 476 -25.89 -25.06 18.97
N SER B 477 -26.40 -23.97 19.52
CA SER B 477 -27.84 -23.73 19.61
C SER B 477 -28.08 -22.22 19.68
N PHE B 478 -29.33 -21.81 19.45
CA PHE B 478 -29.65 -20.40 19.59
C PHE B 478 -29.67 -19.96 21.05
N GLN B 479 -30.00 -20.87 21.97
CA GLN B 479 -30.03 -20.48 23.37
C GLN B 479 -28.63 -20.39 23.98
N GLU B 480 -27.66 -21.06 23.38
CA GLU B 480 -26.27 -20.79 23.72
C GLU B 480 -25.84 -19.42 23.20
N LEU B 481 -26.40 -18.99 22.07
CA LEU B 481 -26.15 -17.66 21.55
C LEU B 481 -26.69 -16.59 22.48
N THR B 482 -27.99 -16.65 22.79
CA THR B 482 -28.64 -15.56 23.52
C THR B 482 -28.54 -15.71 25.02
N GLY B 483 -28.33 -16.93 25.54
CA GLY B 483 -28.43 -17.12 26.98
C GLY B 483 -29.83 -16.84 27.49
N GLU B 484 -30.84 -17.28 26.73
CA GLU B 484 -32.19 -16.73 26.82
C GLU B 484 -33.13 -17.75 26.21
N LYS B 485 -34.40 -17.71 26.62
CA LYS B 485 -35.33 -18.75 26.21
C LYS B 485 -36.27 -18.33 25.08
N GLU B 486 -36.83 -17.11 25.12
CA GLU B 486 -37.90 -16.74 24.19
C GLU B 486 -37.36 -16.43 22.79
N MET B 487 -36.44 -15.46 22.72
CA MET B 487 -35.91 -15.04 21.42
C MET B 487 -35.22 -16.19 20.71
N ALA B 488 -34.54 -17.05 21.48
CA ALA B 488 -33.78 -18.14 20.85
C ALA B 488 -34.70 -19.14 20.18
N ALA B 489 -35.84 -19.44 20.81
CA ALA B 489 -36.77 -20.40 20.21
C ALA B 489 -37.46 -19.79 19.01
N GLU B 490 -37.78 -18.49 19.07
CA GLU B 490 -38.40 -17.89 17.89
C GLU B 490 -37.40 -17.80 16.73
N LEU B 491 -36.12 -17.58 17.04
CA LEU B 491 -35.09 -17.64 16.00
C LEU B 491 -34.93 -19.04 15.44
N GLU B 492 -35.08 -20.07 16.29
CA GLU B 492 -35.00 -21.43 15.77
C GLU B 492 -36.18 -21.72 14.84
N GLU B 493 -37.33 -21.06 15.06
CA GLU B 493 -38.40 -21.20 14.07
C GLU B 493 -38.08 -20.44 12.80
N LEU B 494 -37.41 -19.28 12.89
CA LEU B 494 -37.19 -18.48 11.69
C LEU B 494 -36.05 -19.03 10.82
N TYR B 495 -34.90 -19.33 11.40
CA TYR B 495 -33.73 -19.77 10.65
C TYR B 495 -33.66 -21.28 10.45
N GLY B 496 -34.12 -22.06 11.44
CA GLY B 496 -34.13 -23.50 11.32
C GLY B 496 -32.85 -24.19 11.78
N ASP B 497 -31.73 -23.48 11.80
CA ASP B 497 -30.46 -24.05 12.21
C ASP B 497 -29.56 -22.91 12.70
N ILE B 498 -28.75 -23.20 13.71
CA ILE B 498 -27.80 -22.21 14.20
C ILE B 498 -26.75 -21.89 13.15
N ASP B 499 -26.41 -22.86 12.30
CA ASP B 499 -25.39 -22.67 11.26
C ASP B 499 -25.89 -21.83 10.09
N ALA B 500 -27.12 -21.32 10.15
CA ALA B 500 -27.65 -20.44 9.12
C ALA B 500 -27.85 -19.01 9.61
N LEU B 501 -27.45 -18.72 10.85
CA LEU B 501 -27.61 -17.38 11.39
C LEU B 501 -26.71 -16.40 10.65
N GLU B 502 -27.27 -15.21 10.36
CA GLU B 502 -26.55 -14.20 9.60
C GLU B 502 -25.61 -13.41 10.51
N PHE B 503 -24.74 -12.63 9.87
CA PHE B 503 -23.61 -12.02 10.56
C PHE B 503 -24.06 -10.94 11.54
N TYR B 504 -24.76 -9.91 11.02
CA TYR B 504 -25.13 -8.75 11.83
C TYR B 504 -26.16 -9.10 12.91
N PRO B 505 -27.22 -9.87 12.60
CA PRO B 505 -28.11 -10.30 13.68
C PRO B 505 -27.39 -11.14 14.72
N GLY B 506 -26.39 -11.92 14.31
CA GLY B 506 -25.64 -12.70 15.27
C GLY B 506 -24.79 -11.83 16.18
N LEU B 507 -24.24 -10.74 15.65
CA LEU B 507 -23.46 -9.84 16.49
C LEU B 507 -24.35 -9.09 17.47
N LEU B 508 -25.56 -8.74 17.06
CA LEU B 508 -26.37 -7.90 17.94
C LEU B 508 -27.24 -8.70 18.89
N LEU B 509 -27.66 -9.91 18.53
CA LEU B 509 -28.47 -10.71 19.42
C LEU B 509 -27.66 -11.60 20.34
N GLU B 510 -26.33 -11.51 20.29
CA GLU B 510 -25.49 -12.32 21.15
C GLU B 510 -25.61 -11.84 22.59
N LYS B 511 -25.46 -12.78 23.53
CA LYS B 511 -25.38 -12.41 24.94
C LYS B 511 -24.14 -11.55 25.16
N CYS B 512 -24.28 -10.55 26.05
CA CYS B 512 -23.16 -9.72 26.41
C CYS B 512 -22.34 -10.38 27.51
N HIS B 513 -21.06 -10.02 27.56
CA HIS B 513 -20.29 -10.29 28.77
C HIS B 513 -20.92 -9.50 29.93
N PRO B 514 -20.80 -9.99 31.16
CA PRO B 514 -21.52 -9.35 32.27
C PRO B 514 -21.10 -7.91 32.44
N ASN B 515 -22.10 -7.01 32.44
CA ASN B 515 -21.89 -5.58 32.66
C ASN B 515 -20.92 -4.99 31.63
N SER B 516 -21.23 -5.21 30.36
CA SER B 516 -20.37 -4.74 29.28
C SER B 516 -21.22 -4.24 28.12
N ILE B 517 -20.57 -3.52 27.21
CA ILE B 517 -21.26 -2.83 26.13
C ILE B 517 -21.78 -3.81 25.08
N PHE B 518 -21.04 -4.88 24.81
CA PHE B 518 -21.47 -5.89 23.86
C PHE B 518 -20.82 -7.23 24.22
N GLY B 519 -20.92 -8.20 23.29
CA GLY B 519 -20.61 -9.57 23.58
C GLY B 519 -19.33 -10.08 22.93
N GLU B 520 -19.17 -11.41 22.99
CA GLU B 520 -17.91 -12.07 22.66
C GLU B 520 -17.52 -11.83 21.20
N SER B 521 -18.47 -11.99 20.28
CA SER B 521 -18.10 -11.95 18.86
C SER B 521 -17.78 -10.54 18.41
N MET B 522 -18.38 -9.54 19.04
CA MET B 522 -18.03 -8.17 18.73
C MET B 522 -16.64 -7.84 19.24
N ILE B 523 -16.22 -8.47 20.34
CA ILE B 523 -14.83 -8.35 20.82
C ILE B 523 -13.88 -8.92 19.80
N GLU B 524 -14.02 -10.22 19.55
CA GLU B 524 -13.01 -10.99 18.84
C GLU B 524 -13.01 -10.70 17.34
N MET B 525 -14.05 -10.06 16.84
CA MET B 525 -14.10 -9.62 15.45
C MET B 525 -13.77 -8.14 15.31
N GLY B 526 -14.27 -7.31 16.22
CA GLY B 526 -14.06 -5.88 16.12
C GLY B 526 -12.66 -5.40 16.48
N ALA B 527 -12.03 -6.05 17.47
CA ALA B 527 -10.70 -5.59 17.86
C ALA B 527 -9.61 -5.80 16.81
N PRO B 528 -9.58 -6.94 16.10
CA PRO B 528 -8.56 -7.09 15.05
C PRO B 528 -8.67 -6.05 13.94
N PHE B 529 -9.88 -5.79 13.43
CA PHE B 529 -10.01 -4.77 12.39
C PHE B 529 -9.61 -3.42 12.93
N SER B 530 -10.01 -3.11 14.17
CA SER B 530 -9.88 -1.75 14.66
C SER B 530 -8.42 -1.44 14.99
N LEU B 531 -7.71 -2.40 15.60
CA LEU B 531 -6.32 -2.14 15.95
C LEU B 531 -5.42 -2.25 14.72
N LYS B 532 -5.73 -3.18 13.81
CA LYS B 532 -5.00 -3.20 12.54
C LYS B 532 -5.19 -1.90 11.78
N GLY B 533 -6.37 -1.30 11.88
CA GLY B 533 -6.62 -0.02 11.27
C GLY B 533 -5.95 1.14 11.97
N LEU B 534 -5.66 1.01 13.26
CA LEU B 534 -5.01 2.11 13.96
C LEU B 534 -3.50 2.09 13.82
N LEU B 535 -2.85 0.93 13.92
CA LEU B 535 -1.40 0.93 13.77
C LEU B 535 -0.93 0.53 12.39
N GLY B 536 -1.83 0.18 11.47
CA GLY B 536 -1.40 0.06 10.10
C GLY B 536 -1.27 1.36 9.35
N ASN B 537 -1.61 2.46 10.01
CA ASN B 537 -1.37 3.79 9.48
C ASN B 537 0.13 4.00 9.32
N PRO B 538 0.60 4.50 8.17
CA PRO B 538 2.04 4.65 7.97
C PRO B 538 2.72 5.60 8.93
N ILE B 539 1.99 6.48 9.63
CA ILE B 539 2.66 7.31 10.61
C ILE B 539 3.18 6.47 11.78
N CYS B 540 2.68 5.24 11.92
CA CYS B 540 3.16 4.31 12.93
C CYS B 540 4.38 3.52 12.46
N SER B 541 4.77 3.64 11.20
CA SER B 541 5.90 2.92 10.67
C SER B 541 7.20 3.50 11.21
N PRO B 542 8.29 2.74 11.20
CA PRO B 542 9.58 3.31 11.61
C PRO B 542 10.03 4.46 10.72
N GLU B 543 9.60 4.46 9.45
CA GLU B 543 10.06 5.51 8.54
C GLU B 543 9.42 6.86 8.88
N TYR B 544 8.17 6.87 9.34
CA TYR B 544 7.50 8.13 9.65
C TYR B 544 7.53 8.51 11.13
N TRP B 545 7.55 7.53 12.03
CA TRP B 545 7.35 7.81 13.46
C TRP B 545 8.62 8.41 14.06
N LYS B 546 8.82 9.69 13.79
CA LYS B 546 9.94 10.44 14.29
C LYS B 546 9.53 11.91 14.36
N ALA B 547 10.37 12.72 14.99
CA ALA B 547 9.97 14.10 15.29
C ALA B 547 10.00 14.99 14.05
N SER B 548 10.85 14.69 13.06
CA SER B 548 10.92 15.57 11.90
C SER B 548 9.65 15.48 11.06
N THR B 549 8.95 14.36 11.13
CA THR B 549 7.70 14.21 10.39
C THR B 549 6.65 15.20 10.87
N PHE B 550 6.67 15.53 12.16
CA PHE B 550 5.66 16.39 12.78
C PHE B 550 6.18 17.80 13.04
N GLY B 551 7.25 18.20 12.35
CA GLY B 551 7.74 19.55 12.48
C GLY B 551 8.52 19.86 13.73
N GLY B 552 9.16 18.86 14.33
CA GLY B 552 9.93 19.05 15.54
C GLY B 552 9.25 18.41 16.74
N GLU B 553 9.83 18.68 17.92
CA GLU B 553 9.32 18.07 19.14
C GLU B 553 7.98 18.64 19.57
N VAL B 554 7.60 19.81 19.07
CA VAL B 554 6.35 20.43 19.49
C VAL B 554 5.16 19.63 18.99
N GLY B 555 5.11 19.36 17.68
CA GLY B 555 4.00 18.59 17.16
C GLY B 555 4.07 17.13 17.53
N PHE B 556 5.28 16.62 17.76
CA PHE B 556 5.42 15.22 18.12
C PHE B 556 4.98 14.98 19.55
N ASN B 557 5.16 15.97 20.42
CA ASN B 557 4.54 15.93 21.74
C ASN B 557 3.07 16.30 21.68
N LEU B 558 2.62 16.99 20.63
CA LEU B 558 1.19 17.13 20.47
C LEU B 558 0.54 15.79 20.16
N VAL B 559 1.22 14.92 19.42
CA VAL B 559 0.70 13.58 19.22
C VAL B 559 0.79 12.77 20.50
N LYS B 560 1.92 12.85 21.20
CA LYS B 560 2.12 11.97 22.33
C LYS B 560 1.36 12.39 23.60
N THR B 561 0.74 13.57 23.62
CA THR B 561 0.11 14.08 24.84
C THR B 561 -1.38 14.32 24.66
N ALA B 562 -1.97 13.89 23.56
CA ALA B 562 -3.33 14.30 23.22
C ALA B 562 -4.35 13.51 24.02
N THR B 563 -5.23 14.22 24.69
CA THR B 563 -6.46 13.72 25.29
C THR B 563 -7.63 14.35 24.57
N LEU B 564 -8.85 13.89 24.84
CA LEU B 564 -9.98 14.59 24.24
C LEU B 564 -10.32 15.84 25.03
N LYS B 565 -9.90 15.90 26.30
CA LYS B 565 -10.04 17.12 27.07
C LYS B 565 -9.17 18.22 26.47
N LYS B 566 -7.98 17.88 26.00
CA LYS B 566 -7.16 18.87 25.32
C LYS B 566 -7.70 19.18 23.93
N LEU B 567 -8.38 18.21 23.30
CA LEU B 567 -8.96 18.46 21.99
C LEU B 567 -10.13 19.43 22.08
N VAL B 568 -10.84 19.43 23.21
CA VAL B 568 -11.97 20.33 23.38
C VAL B 568 -11.52 21.65 24.01
N CYS B 569 -10.96 21.58 25.21
CA CYS B 569 -10.81 22.77 26.05
C CYS B 569 -9.71 23.71 25.60
N LEU B 570 -8.79 23.27 24.75
CA LEU B 570 -7.81 24.17 24.17
C LEU B 570 -8.37 24.95 22.99
N ASN B 571 -9.50 24.50 22.45
CA ASN B 571 -10.15 25.15 21.33
C ASN B 571 -11.46 25.84 21.74
N THR B 572 -11.68 26.02 23.04
CA THR B 572 -12.87 26.68 23.55
C THR B 572 -12.46 27.80 24.50
N LYS B 573 -13.46 28.59 24.91
CA LYS B 573 -13.25 29.65 25.88
C LYS B 573 -13.42 29.13 27.30
N THR B 574 -14.38 28.24 27.51
CA THR B 574 -14.60 27.57 28.78
C THR B 574 -14.34 26.08 28.61
N CYS B 575 -14.01 25.43 29.70
CA CYS B 575 -13.75 24.00 29.66
C CYS B 575 -14.92 23.25 30.28
N PRO B 576 -15.77 22.61 29.48
CA PRO B 576 -16.95 21.91 30.02
C PRO B 576 -16.56 20.52 30.48
N TYR B 577 -17.56 19.75 30.91
CA TYR B 577 -17.33 18.34 31.15
C TYR B 577 -17.21 17.62 29.81
N VAL B 578 -16.03 17.08 29.54
CA VAL B 578 -15.78 16.35 28.31
C VAL B 578 -15.19 15.00 28.68
N SER B 579 -15.83 13.93 28.22
CA SER B 579 -15.46 12.58 28.58
C SER B 579 -16.11 11.62 27.60
N PHE B 580 -15.65 10.37 27.65
CA PHE B 580 -16.32 9.26 26.99
C PHE B 580 -17.25 8.49 27.92
N HIS B 581 -17.32 8.87 29.19
CA HIS B 581 -18.23 8.25 30.14
C HIS B 581 -19.00 9.32 30.90
N VAL B 582 -20.19 8.95 31.38
CA VAL B 582 -21.03 9.83 32.18
C VAL B 582 -20.33 10.10 33.51
N PRO B 583 -20.62 11.22 34.18
CA PRO B 583 -20.06 11.43 35.52
C PRO B 583 -20.77 10.54 36.55
N ASP B 584 -19.97 9.95 37.45
CA ASP B 584 -20.39 8.95 38.46
C ASP B 584 -21.85 8.49 38.43
C1 NAG C . 27.14 20.66 11.05
C2 NAG C . 28.34 21.15 11.87
C3 NAG C . 28.51 22.66 11.72
C4 NAG C . 28.57 23.06 10.24
C5 NAG C . 27.40 22.45 9.47
C6 NAG C . 27.51 22.65 7.98
C7 NAG C . 29.27 20.58 14.07
C8 NAG C . 28.97 20.23 15.50
N2 NAG C . 28.23 20.80 13.28
O3 NAG C . 29.70 23.09 12.36
O4 NAG C . 28.45 24.47 10.16
O5 NAG C . 27.32 21.04 9.69
O6 NAG C . 28.47 21.78 7.41
O7 NAG C . 30.43 20.64 13.66
C1 NAG C . 29.62 25.12 9.61
C2 NAG C . 29.18 26.55 9.27
C3 NAG C . 30.36 27.34 8.72
C4 NAG C . 31.52 27.30 9.70
C5 NAG C . 31.89 25.85 10.03
C6 NAG C . 32.96 25.74 11.09
C7 NAG C . 26.79 26.61 8.71
C8 NAG C . 25.77 26.56 7.59
N2 NAG C . 28.07 26.54 8.33
O3 NAG C . 29.96 28.69 8.50
O4 NAG C . 32.65 27.97 9.15
O5 NAG C . 30.73 25.16 10.53
O6 NAG C . 32.83 26.77 12.07
O7 NAG C . 26.46 26.71 9.88
C1 NAG D . -2.01 13.88 -7.34
C2 NAG D . -3.50 14.03 -7.63
C3 NAG D . -3.73 14.88 -8.87
C4 NAG D . -2.93 16.19 -8.83
C5 NAG D . -1.47 15.91 -8.47
C6 NAG D . -0.64 17.15 -8.24
C7 NAG D . -5.07 12.29 -6.93
C8 NAG D . -5.64 10.93 -7.20
N2 NAG D . -4.14 12.74 -7.78
O3 NAG D . -5.10 15.20 -8.99
O4 NAG D . -3.01 16.77 -10.12
O5 NAG D . -1.41 15.15 -7.26
O6 NAG D . -1.13 17.92 -7.15
O7 NAG D . -5.45 12.96 -5.95
C1 NAG D . -3.30 18.19 -10.07
C2 NAG D . -3.32 18.77 -11.46
C3 NAG D . -3.34 20.28 -11.39
C4 NAG D . -4.46 20.77 -10.46
C5 NAG D . -4.60 19.94 -9.17
C6 NAG D . -5.94 20.14 -8.49
C7 NAG D . -0.92 18.52 -11.99
C8 NAG D . 0.07 17.94 -12.96
N2 NAG D . -2.21 18.29 -12.28
O3 NAG D . -3.51 20.83 -12.69
O4 NAG D . -4.13 22.10 -10.08
O5 NAG D . -4.47 18.53 -9.40
O6 NAG D . -6.87 19.15 -8.88
O7 NAG D . -0.56 19.15 -10.99
C1 MAN D . -5.14 23.10 -10.36
C2 MAN D . -5.84 22.88 -11.72
C3 MAN D . -5.84 24.18 -12.50
C4 MAN D . -6.34 25.35 -11.60
C5 MAN D . -5.46 25.48 -10.32
C6 MAN D . -6.23 25.49 -9.02
O2 MAN D . -7.21 22.53 -11.55
O3 MAN D . -6.63 24.07 -13.69
O4 MAN D . -6.29 26.58 -12.30
O5 MAN D . -4.55 24.38 -10.24
O6 MAN D . -6.70 26.80 -8.71
C1 MAN D . -8.09 26.64 -8.37
C2 MAN D . -8.91 26.78 -9.63
C3 MAN D . -8.68 28.17 -10.24
C4 MAN D . -8.55 29.36 -9.15
C5 MAN D . -8.40 28.93 -7.62
C6 MAN D . -9.39 29.70 -6.68
O2 MAN D . -10.33 26.64 -9.37
O3 MAN D . -9.69 28.48 -11.22
O4 MAN D . -7.48 30.26 -9.53
O5 MAN D . -8.54 27.50 -7.36
O6 MAN D . -10.54 28.91 -6.29
C1 MAN D . -11.55 28.72 -7.32
C2 MAN D . -12.34 30.04 -7.79
C3 MAN D . -13.35 29.72 -8.92
C4 MAN D . -13.68 28.20 -8.97
C5 MAN D . -13.77 27.67 -7.55
C6 MAN D . -14.34 26.27 -7.47
O2 MAN D . -11.50 31.06 -8.35
O3 MAN D . -12.89 30.18 -10.19
O4 MAN D . -14.92 27.98 -9.64
O5 MAN D . -12.43 27.64 -6.98
O6 MAN D . -15.54 26.24 -8.23
C1 NAG E . 11.49 -3.89 -41.72
C2 NAG E . 12.16 -3.04 -42.80
C3 NAG E . 12.02 -3.71 -44.16
C4 NAG E . 12.54 -5.14 -44.10
C5 NAG E . 11.83 -5.89 -42.96
C6 NAG E . 12.34 -7.30 -42.75
C7 NAG E . 12.28 -0.61 -43.18
C8 NAG E . 11.55 0.69 -43.11
N2 NAG E . 11.58 -1.69 -42.82
O3 NAG E . 12.77 -2.97 -45.12
O4 NAG E . 12.33 -5.80 -45.34
O5 NAG E . 12.06 -5.18 -41.72
O6 NAG E . 11.28 -8.16 -42.35
O7 NAG E . 13.45 -0.68 -43.53
C1 NAG E . 13.56 -6.42 -45.78
C2 NAG E . 13.28 -7.45 -46.88
C3 NAG E . 14.58 -8.17 -47.25
C4 NAG E . 15.65 -7.16 -47.65
C5 NAG E . 15.85 -6.15 -46.52
C6 NAG E . 16.82 -5.05 -46.88
C7 NAG E . 10.95 -8.16 -46.62
C8 NAG E . 10.03 -9.25 -46.15
N2 NAG E . 12.26 -8.39 -46.48
O3 NAG E . 14.33 -9.07 -48.34
O4 NAG E . 16.88 -7.83 -47.93
O5 NAG E . 14.59 -5.51 -46.22
O6 NAG E . 16.66 -3.91 -46.06
O7 NAG E . 10.52 -7.11 -47.11
C1 NAG F . -13.61 -32.81 4.90
C2 NAG F . -13.71 -34.26 5.38
C3 NAG F . -14.71 -35.03 4.52
C4 NAG F . -16.05 -34.31 4.45
C5 NAG F . -15.87 -32.85 4.05
C6 NAG F . -17.15 -32.06 4.15
C7 NAG F . -12.10 -35.88 6.25
C8 NAG F . -10.72 -36.46 6.12
N2 NAG F . -12.42 -34.92 5.38
O3 NAG F . -14.87 -36.34 5.04
O4 NAG F . -16.86 -34.94 3.47
O5 NAG F . -14.92 -32.20 4.91
O6 NAG F . -17.38 -31.62 5.48
O7 NAG F . -12.87 -36.25 7.14
C1 NAG F . -17.97 -35.69 4.02
C2 NAG F . -18.92 -35.94 2.84
C3 NAG F . -20.11 -36.77 3.31
C4 NAG F . -19.63 -38.07 3.96
C5 NAG F . -18.65 -37.77 5.09
C6 NAG F . -18.02 -39.02 5.67
C7 NAG F . -18.75 -34.13 1.20
C8 NAG F . -19.34 -32.83 0.73
N2 NAG F . -19.36 -34.69 2.26
O3 NAG F . -20.96 -37.08 2.20
O4 NAG F . -20.74 -38.82 4.46
O5 NAG F . -17.57 -36.94 4.60
O6 NAG F . -17.15 -39.65 4.73
O7 NAG F . -17.79 -34.63 0.66
C1 NAG G . -12.45 -0.86 -9.75
C2 NAG G . -12.17 0.10 -10.91
C3 NAG G . -13.47 0.64 -11.49
C4 NAG G . -14.43 -0.49 -11.83
C5 NAG G . -14.63 -1.40 -10.62
C6 NAG G . -15.46 -2.64 -10.90
C7 NAG G . -10.08 1.38 -10.97
C8 NAG G . -9.32 2.56 -10.42
N2 NAG G . -11.30 1.19 -10.48
O3 NAG G . -13.20 1.39 -12.67
O4 NAG G . -15.68 0.12 -12.18
O5 NAG G . -13.35 -1.88 -10.18
O6 NAG G . -14.76 -3.59 -11.68
O7 NAG G . -9.59 0.63 -11.84
C1 NAG G . -16.27 -0.47 -13.35
C2 NAG G . -17.61 0.17 -13.62
C3 NAG G . -18.37 -0.66 -14.66
C4 NAG G . -17.52 -0.85 -15.91
C5 NAG G . -16.05 -1.21 -15.60
C6 NAG G . -15.14 -0.98 -16.79
C7 NAG G . -18.78 -0.68 -11.60
C8 NAG G . -19.57 -0.28 -10.39
N2 NAG G . -18.39 0.34 -12.40
O3 NAG G . -19.60 -0.02 -15.00
O4 NAG G . -18.09 -1.92 -16.65
O5 NAG G . -15.51 -0.44 -14.53
O6 NAG G . -14.61 0.33 -16.78
O7 NAG G . -18.51 -1.86 -11.85
C1 MAN G . -18.48 -1.59 -18.02
C2 MAN G . -18.90 -0.08 -18.17
C3 MAN G . -20.08 0.06 -19.12
C4 MAN G . -19.91 -0.95 -20.25
C5 MAN G . -20.26 -2.31 -19.68
C6 MAN G . -20.10 -3.44 -20.69
O2 MAN G . -17.85 0.70 -18.77
O3 MAN G . -20.20 1.39 -19.62
O4 MAN G . -20.77 -0.65 -21.34
O5 MAN G . -19.39 -2.61 -18.52
O6 MAN G . -18.71 -3.62 -20.92
C1 MAN G . -18.42 -3.84 -22.31
C2 MAN G . -19.41 -4.87 -22.89
C3 MAN G . -18.67 -5.92 -23.69
C4 MAN G . -17.62 -5.27 -24.66
C5 MAN G . -16.60 -4.42 -23.88
C6 MAN G . -16.34 -3.07 -24.51
O2 MAN G . -20.36 -4.27 -23.80
O3 MAN G . -19.58 -6.76 -24.41
O4 MAN G . -16.92 -6.26 -25.39
O5 MAN G . -17.04 -4.20 -22.51
O6 MAN G . -16.77 -3.09 -25.87
C1 MAN G . -16.74 -1.71 -26.31
C2 MAN G . -18.17 -1.19 -26.63
C3 MAN G . -18.13 0.32 -26.94
C4 MAN G . -16.67 0.85 -26.98
C5 MAN G . -15.81 -0.07 -27.88
C6 MAN G . -14.38 0.39 -28.03
O2 MAN G . -19.04 -1.32 -25.51
O3 MAN G . -18.92 1.06 -26.01
O4 MAN G . -16.61 2.19 -27.44
O5 MAN G . -15.79 -1.43 -27.32
O6 MAN G . -14.39 1.81 -28.14
C1 NAG H . -32.94 23.13 16.30
C2 NAG H . -34.46 23.10 16.37
C3 NAG H . -34.99 24.45 16.85
C4 NAG H . -34.31 24.84 18.16
C5 NAG H . -32.79 24.77 18.01
C6 NAG H . -32.03 25.02 19.29
C7 NAG H . -36.18 22.04 14.96
C8 NAG H . -36.63 21.75 13.57
N2 NAG H . -35.05 22.75 15.08
O3 NAG H . -36.40 24.37 17.04
O4 NAG H . -34.74 26.13 18.55
O5 NAG H . -32.41 23.46 17.56
O6 NAG H . -31.40 26.29 19.27
O7 NAG H . -36.81 21.66 15.94
C1 NAG H . -35.15 26.11 19.94
C2 NAG H . -35.34 27.53 20.48
C3 NAG H . -35.64 27.47 21.98
C4 NAG H . -36.85 26.57 22.23
C5 NAG H . -36.61 25.18 21.63
C6 NAG H . -37.80 24.27 21.75
C7 NAG H . -33.98 29.00 19.07
C8 NAG H . -32.72 29.81 18.98
N2 NAG H . -34.18 28.36 20.22
O3 NAG H . -35.91 28.78 22.47
O4 NAG H . -37.10 26.45 23.63
O5 NAG H . -36.31 25.32 20.23
O6 NAG H . -38.17 23.72 20.50
O7 NAG H . -34.78 28.93 18.14
CHA HEM I . 13.07 6.72 -22.29
CHB HEM I . 14.17 5.69 -26.90
CHC HEM I . 16.42 1.65 -25.47
CHD HEM I . 15.34 2.66 -20.87
C1A HEM I . 13.18 6.79 -23.67
C2A HEM I . 12.67 7.86 -24.50
C3A HEM I . 12.97 7.58 -25.76
C4A HEM I . 13.69 6.32 -25.77
CMA HEM I . 12.63 8.43 -26.99
CAA HEM I . 11.90 9.11 -24.02
CBA HEM I . 12.88 10.14 -23.46
CGA HEM I . 12.19 11.47 -23.31
O1A HEM I . 10.99 11.59 -23.67
O2A HEM I . 12.85 12.43 -22.83
C1B HEM I . 14.81 4.47 -26.92
C2B HEM I . 15.13 3.69 -28.10
C3B HEM I . 15.74 2.57 -27.71
C4B HEM I . 15.85 2.62 -26.26
CMB HEM I . 14.76 4.14 -29.53
CAB HEM I . 16.30 1.40 -28.54
CBB HEM I . 16.33 1.35 -29.87
C1C HEM I . 16.27 1.56 -24.11
C2C HEM I . 16.63 0.40 -23.31
C3C HEM I . 16.34 0.65 -22.05
C4C HEM I . 15.78 2.00 -21.98
CMC HEM I . 17.25 -0.90 -23.86
CAC HEM I . 16.59 -0.35 -20.90
CBC HEM I . 16.26 -0.12 -19.63
C1D HEM I . 14.56 3.80 -20.87
C2D HEM I . 13.78 4.30 -19.75
C3D HEM I . 13.16 5.41 -20.13
C4D HEM I . 13.51 5.66 -21.52
CMD HEM I . 13.72 3.64 -18.36
CAD HEM I . 12.22 6.28 -19.25
CBD HEM I . 10.76 5.96 -19.59
CGD HEM I . 9.80 6.94 -18.96
O1D HEM I . 10.27 7.87 -18.24
O2D HEM I . 8.58 6.79 -19.17
NA HEM I . 13.80 5.86 -24.48
NB HEM I . 15.27 3.79 -25.81
NC HEM I . 15.75 2.52 -23.27
ND HEM I . 14.36 4.65 -21.95
FE HEM I . 14.62 4.09 -23.91
C1 BOG J . 25.65 -3.08 0.95
O1 BOG J . 25.33 -2.15 1.97
C2 BOG J . 27.17 -3.09 0.74
O2 BOG J . 27.60 -1.81 0.29
C3 BOG J . 27.57 -4.15 -0.29
O3 BOG J . 28.99 -4.30 -0.30
C4 BOG J . 26.92 -5.49 0.03
O4 BOG J . 27.12 -6.40 -1.06
C5 BOG J . 25.42 -5.33 0.28
O5 BOG J . 25.21 -4.38 1.32
C6 BOG J . 24.79 -6.66 0.67
O6 BOG J . 25.55 -7.74 0.10
C1' BOG J . 25.49 -0.80 1.54
C2' BOG J . 24.83 0.14 2.55
C3' BOG J . 25.41 -0.07 3.95
C4' BOG J . 24.30 -0.22 4.98
C5' BOG J . 24.22 1.02 5.88
C6' BOG J . 24.50 2.28 5.10
C7' BOG J . 23.56 3.40 5.52
C8' BOG J . 23.64 4.57 4.55
C15 63X K . 26.42 -6.23 -10.24
C14 63X K . 26.32 -6.44 -8.88
C20 63X K . 20.93 -0.78 -12.03
C6 63X K . 20.97 -4.96 -9.59
C9 63X K . 20.33 -2.88 -11.28
C3 63X K . 22.22 -7.65 -7.32
C10 63X K . 21.40 -2.76 -10.42
C7 63X K . 19.87 -5.07 -10.43
C8 63X K . 19.56 -4.03 -11.30
C5 63X K . 22.55 -6.71 -8.34
C12 63X K . 23.91 -6.52 -9.03
C11 63X K . 21.72 -3.80 -9.56
C16 63X K . 25.25 -6.17 -11.01
C22 63X K . 23.14 -8.62 -6.60
O1 63X K . 20.97 -7.51 -7.02
N2 63X K . 20.41 -6.58 -7.77
C4 63X K . 21.30 -6.06 -8.61
C13 63X K . 25.09 -6.59 -8.28
C17 63X K . 24.02 -6.32 -10.40
O18 63X K . 20.02 -1.82 -12.14
O19 63X K . 27.68 -6.09 -10.80
C21 63X K . 27.71 -5.72 -12.15
C23 63X K . 23.76 -7.85 -5.43
O24 63X K . 25.02 -7.73 -5.31
O25 63X K . 23.01 -7.29 -4.58
CHA HEM L . -25.17 4.14 7.96
CHB HEM L . -28.34 7.16 10.03
CHC HEM L . -25.92 6.88 14.21
CHD HEM L . -22.64 4.00 12.10
C1A HEM L . -26.25 4.97 8.15
C2A HEM L . -27.28 5.29 7.17
C3A HEM L . -28.14 6.12 7.76
C4A HEM L . -27.71 6.35 9.12
CMA HEM L . -29.40 6.72 7.11
CAA HEM L . -27.37 4.77 5.73
CBA HEM L . -27.88 3.33 5.70
CGA HEM L . -28.20 2.95 4.29
O1A HEM L . -28.02 3.79 3.37
O2A HEM L . -28.64 1.79 4.06
C1B HEM L . -27.92 7.41 11.32
C2B HEM L . -28.46 8.41 12.22
C3B HEM L . -27.79 8.33 13.38
C4B HEM L . -26.81 7.28 13.24
CMB HEM L . -29.62 9.36 11.83
CAB HEM L . -27.96 9.16 14.68
CBB HEM L . -28.90 10.08 14.87
C1C HEM L . -24.79 6.13 13.99
C2C HEM L . -23.71 5.94 14.93
C3C HEM L . -22.79 5.16 14.36
C4C HEM L . -23.26 4.80 13.03
CMC HEM L . -23.63 6.57 16.34
CAC HEM L . -21.48 4.74 15.07
CBC HEM L . -20.55 3.99 14.48
C1D HEM L . -23.00 3.87 10.77
C2D HEM L . -22.17 3.30 9.72
C3D HEM L . -22.87 3.33 8.57
C4D HEM L . -24.16 3.92 8.86
CMD HEM L . -20.75 2.75 9.92
CAD HEM L . -22.38 2.83 7.20
CBD HEM L . -21.78 4.01 6.43
CGD HEM L . -21.42 3.63 5.01
O1D HEM L . -21.60 2.43 4.62
O2D HEM L . -20.96 4.53 4.27
NA HEM L . -26.54 5.64 9.32
NB HEM L . -26.91 6.74 11.98
NC HEM L . -24.49 5.42 12.85
ND HEM L . -24.21 4.24 10.22
FE HEM L . -25.46 5.61 11.07
C15 63X M . -14.02 -4.86 24.92
C14 63X M . -12.88 -5.63 24.81
C20 63X M . -16.27 -3.28 17.42
C6 63X M . -12.19 -2.89 19.98
C9 63X M . -14.36 -2.40 18.34
C3 63X M . -9.49 -3.77 22.41
C10 63X M . -14.19 -3.65 18.92
C7 63X M . -12.35 -1.64 19.39
C8 63X M . -13.43 -1.39 18.57
C5 63X M . -10.89 -3.73 22.17
C12 63X M . -12.02 -4.14 23.13
C11 63X M . -13.10 -3.90 19.73
C16 63X M . -14.16 -3.73 24.13
C22 63X M . -8.76 -4.29 23.64
O1 63X M . -8.87 -3.34 21.36
N2 63X M . -9.73 -2.99 20.44
C4 63X M . -10.98 -3.18 20.85
C13 63X M . -11.89 -5.27 23.92
C17 63X M . -13.16 -3.36 23.25
O18 63X M . -15.45 -2.15 17.52
O19 63X M . -15.00 -5.27 25.83
C21 63X M . -16.23 -4.60 25.74
C23 63X M . -8.58 -5.79 23.39
O24 63X M . -8.03 -6.18 22.33
O25 63X M . -9.00 -6.66 24.21
C1 BOG N . -6.53 -12.92 22.32
O1 BOG N . -6.15 -11.73 22.95
C2 BOG N . -7.90 -13.49 22.89
O2 BOG N . -7.83 -13.72 24.30
C3 BOG N . -8.25 -14.80 22.13
O3 BOG N . -9.49 -15.32 22.64
C4 BOG N . -8.34 -14.51 20.58
O4 BOG N . -8.66 -15.70 19.84
C5 BOG N . -7.05 -13.97 20.08
O5 BOG N . -6.64 -12.70 20.83
C6 BOG N . -7.11 -13.63 18.55
O6 BOG N . -7.86 -12.44 18.24
C1' BOG N . -4.79 -11.64 23.44
C2' BOG N . -4.62 -10.28 24.09
C3' BOG N . -4.86 -10.33 25.44
C4' BOG N . -3.56 -10.25 26.24
C5' BOG N . -3.82 -9.87 27.70
C6' BOG N . -3.64 -11.06 28.64
C7' BOG N . -3.87 -10.69 29.93
C8' BOG N . -3.69 -11.88 30.86
C1 BOG O . -14.74 -16.67 34.48
O1 BOG O . -14.02 -17.02 35.64
C2 BOG O . -14.84 -17.88 33.46
O2 BOG O . -13.55 -18.36 33.09
C3 BOG O . -15.65 -17.42 32.21
O3 BOG O . -15.75 -18.51 31.28
C4 BOG O . -17.07 -16.91 32.67
O4 BOG O . -17.86 -16.48 31.53
C5 BOG O . -16.94 -15.78 33.63
O5 BOG O . -16.12 -16.18 34.84
C6 BOG O . -18.34 -15.27 34.13
O6 BOG O . -18.27 -14.19 35.09
C1' BOG O . -13.07 -16.08 36.17
C2' BOG O . -12.45 -16.71 37.41
C3' BOG O . -11.24 -16.13 37.73
C4' BOG O . -10.28 -17.14 38.34
C5' BOG O . -9.03 -16.46 38.90
C6' BOG O . -7.75 -16.99 38.25
C7' BOG O . -6.64 -16.37 38.78
C8' BOG O . -5.39 -16.91 38.12
#